data_1WUF
#
_entry.id   1WUF
#
_cell.length_a   54.721
_cell.length_b   87.346
_cell.length_c   161.489
_cell.angle_alpha   90.00
_cell.angle_beta   90.00
_cell.angle_gamma   90.00
#
_symmetry.space_group_name_H-M   'P 21 21 21'
#
loop_
_entity.id
_entity.type
_entity.pdbx_description
1 polymer 'hypothetical protein lin2664'
2 non-polymer 'MAGNESIUM ION'
#
_entity_poly.entity_id   1
_entity_poly.type   'polypeptide(L)'
_entity_poly.pdbx_seq_one_letter_code
;GHHHHHHHHHHGLVPRGSHMYFQKARLIHAELPLLAPFKTSYGELKSKDFYIIELINEEGIHGYGELEAFPLPDYTEETL
SSAILIIKEQLLPLLAQRKIRKPEEIQELFSWIQGNEMAKAAVELAVWDAFAKMEKRSLAKMIGATKESIKVGVSIGLQQ
NVETLLQLVNQYVDQGYERVKLKIAPNKDIQFVEAVRKSFPKLSLMADANSAYNREDFLLLKELDQYDLEMIEQPFGTKD
FVDHAWLQKQLKTRICLDENIRSVKDVEQAHSIGSCRAINLKLARVGGMSSALKIAEYCALNEILVWCGGMLEAGVGRAH
NIALAARNEFVFPGDISASNRFFAEDIVTPAFELNQGRLKVPTNEGIGVTLDLKVLKKYTKSTEEILLNKGWS
;
_entity_poly.pdbx_strand_id   A,B
#
loop_
_chem_comp.id
_chem_comp.type
_chem_comp.name
_chem_comp.formula
MG non-polymer 'MAGNESIUM ION' 'Mg 2'
#
# COMPACT_ATOMS: atom_id res chain seq x y z
N HIS A 19 -10.68 -17.53 26.08
CA HIS A 19 -10.92 -18.54 25.03
C HIS A 19 -12.30 -18.40 24.40
N MET A 20 -12.34 -18.07 23.11
CA MET A 20 -13.62 -17.93 22.41
C MET A 20 -13.54 -18.28 20.93
N TYR A 21 -14.70 -18.60 20.33
CA TYR A 21 -14.81 -18.93 18.91
C TYR A 21 -15.86 -18.00 18.32
N PHE A 22 -15.61 -17.43 17.15
CA PHE A 22 -16.59 -16.54 16.57
C PHE A 22 -17.60 -17.26 15.70
N GLN A 23 -18.81 -17.30 16.20
CA GLN A 23 -19.94 -17.96 15.54
C GLN A 23 -20.31 -17.31 14.21
N LYS A 24 -20.55 -16.00 14.22
CA LYS A 24 -20.89 -15.33 12.97
C LYS A 24 -20.46 -13.88 12.97
N ALA A 25 -20.52 -13.29 11.78
CA ALA A 25 -20.14 -11.90 11.58
C ALA A 25 -21.27 -11.17 10.86
N ARG A 26 -21.53 -9.94 11.26
CA ARG A 26 -22.59 -9.15 10.67
C ARG A 26 -22.00 -7.84 10.18
N LEU A 27 -22.01 -7.64 8.86
CA LEU A 27 -21.44 -6.45 8.23
C LEU A 27 -22.50 -5.42 7.91
N ILE A 28 -22.54 -4.35 8.70
CA ILE A 28 -23.52 -3.30 8.52
C ILE A 28 -22.92 -2.09 7.84
N HIS A 29 -23.48 -1.74 6.69
CA HIS A 29 -23.04 -0.59 5.89
C HIS A 29 -23.95 0.60 6.19
N ALA A 30 -23.40 1.63 6.82
CA ALA A 30 -24.19 2.81 7.13
C ALA A 30 -23.51 4.08 6.66
N GLU A 31 -24.28 5.16 6.61
CA GLU A 31 -23.75 6.45 6.16
C GLU A 31 -24.42 7.58 6.95
N LEU A 32 -23.63 8.32 7.71
CA LEU A 32 -24.13 9.41 8.53
C LEU A 32 -23.95 10.78 7.89
N PRO A 33 -24.99 11.64 7.96
CA PRO A 33 -24.92 12.99 7.38
C PRO A 33 -24.00 13.86 8.20
N LEU A 34 -23.03 14.47 7.53
CA LEU A 34 -22.12 15.34 8.24
C LEU A 34 -22.79 16.70 8.32
N LEU A 35 -22.64 17.36 9.47
CA LEU A 35 -23.18 18.69 9.65
C LEU A 35 -22.61 19.58 8.54
N ALA A 36 -21.29 19.59 8.43
CA ALA A 36 -20.60 20.37 7.41
C ALA A 36 -19.72 19.46 6.57
N PRO A 37 -19.51 19.80 5.29
CA PRO A 37 -18.68 19.00 4.38
C PRO A 37 -17.25 18.90 4.89
N PHE A 38 -16.66 17.73 4.72
CA PHE A 38 -15.30 17.46 5.16
C PHE A 38 -14.42 17.44 3.92
N LYS A 39 -13.38 18.27 3.88
CA LYS A 39 -12.53 18.29 2.71
C LYS A 39 -11.37 17.31 2.77
N THR A 40 -11.23 16.47 1.74
CA THR A 40 -10.12 15.52 1.67
C THR A 40 -9.18 16.05 0.58
N SER A 41 -8.10 15.34 0.34
CA SER A 41 -7.12 15.77 -0.67
C SER A 41 -7.65 16.04 -2.08
N TYR A 42 -8.41 15.08 -2.62
CA TYR A 42 -8.98 15.21 -3.96
C TYR A 42 -10.47 14.94 -3.88
N GLY A 43 -11.09 15.46 -2.82
CA GLY A 43 -12.52 15.27 -2.64
C GLY A 43 -13.12 16.08 -1.49
N GLU A 44 -14.40 15.90 -1.27
CA GLU A 44 -15.09 16.61 -0.20
C GLU A 44 -16.20 15.70 0.26
N LEU A 45 -16.08 15.24 1.51
CA LEU A 45 -17.09 14.37 2.08
C LEU A 45 -18.29 15.18 2.49
N LYS A 46 -19.44 14.54 2.39
CA LYS A 46 -20.73 15.14 2.70
C LYS A 46 -21.29 14.31 3.84
N SER A 47 -20.63 13.18 4.08
CA SER A 47 -21.04 12.24 5.11
C SER A 47 -19.90 11.26 5.46
N LYS A 48 -20.17 10.36 6.42
CA LYS A 48 -19.21 9.34 6.82
C LYS A 48 -19.77 8.03 6.37
N ASP A 49 -19.22 7.48 5.28
CA ASP A 49 -19.67 6.20 4.76
C ASP A 49 -18.74 5.20 5.43
N PHE A 50 -19.31 4.24 6.14
CA PHE A 50 -18.49 3.26 6.86
C PHE A 50 -19.17 1.90 7.01
N TYR A 51 -18.47 0.98 7.66
CA TYR A 51 -19.04 -0.31 7.93
C TYR A 51 -18.88 -0.60 9.40
N ILE A 52 -19.78 -1.42 9.91
CA ILE A 52 -19.72 -1.83 11.28
C ILE A 52 -19.51 -3.32 11.21
N ILE A 53 -18.41 -3.78 11.79
CA ILE A 53 -18.12 -5.19 11.83
C ILE A 53 -18.58 -5.67 13.20
N GLU A 54 -19.64 -6.47 13.18
CA GLU A 54 -20.21 -7.05 14.39
C GLU A 54 -19.79 -8.51 14.43
N LEU A 55 -18.87 -8.81 15.35
CA LEU A 55 -18.39 -10.17 15.53
C LEU A 55 -19.15 -10.77 16.71
N ILE A 56 -19.83 -11.89 16.49
CA ILE A 56 -20.59 -12.52 17.56
C ILE A 56 -19.98 -13.81 18.09
N ASN A 57 -19.70 -13.78 19.39
CA ASN A 57 -19.11 -14.87 20.15
C ASN A 57 -19.93 -16.15 20.03
N GLU A 58 -19.43 -17.22 20.64
CA GLU A 58 -20.15 -18.49 20.62
C GLU A 58 -20.93 -18.56 21.94
N GLU A 59 -20.67 -17.60 22.82
CA GLU A 59 -21.34 -17.51 24.11
C GLU A 59 -22.29 -16.32 24.14
N GLY A 60 -22.57 -15.77 22.96
CA GLY A 60 -23.50 -14.66 22.85
C GLY A 60 -22.96 -13.25 23.00
N ILE A 61 -21.64 -13.08 23.00
CA ILE A 61 -21.08 -11.73 23.13
C ILE A 61 -20.85 -11.09 21.77
N HIS A 62 -21.19 -9.81 21.67
CA HIS A 62 -21.06 -9.06 20.42
C HIS A 62 -19.89 -8.09 20.47
N GLY A 63 -18.95 -8.25 19.54
CA GLY A 63 -17.81 -7.36 19.46
C GLY A 63 -18.02 -6.41 18.29
N TYR A 64 -17.69 -5.14 18.47
CA TYR A 64 -17.90 -4.16 17.40
C TYR A 64 -16.68 -3.41 16.92
N GLY A 65 -16.50 -3.39 15.60
CA GLY A 65 -15.37 -2.70 15.01
C GLY A 65 -15.92 -1.76 13.96
N GLU A 66 -15.12 -0.83 13.47
CA GLU A 66 -15.61 0.08 12.45
C GLU A 66 -14.57 0.21 11.36
N LEU A 67 -15.00 0.06 10.11
CA LEU A 67 -14.09 0.22 8.97
C LEU A 67 -14.04 1.69 8.67
N GLU A 68 -12.87 2.31 8.79
CA GLU A 68 -12.72 3.75 8.58
C GLU A 68 -12.32 4.22 7.19
N ALA A 69 -11.89 3.31 6.34
CA ALA A 69 -11.46 3.66 4.98
C ALA A 69 -12.35 4.67 4.25
N PHE A 70 -11.70 5.70 3.71
CA PHE A 70 -12.40 6.74 2.97
C PHE A 70 -12.85 6.17 1.62
N PRO A 71 -13.83 6.81 0.98
CA PRO A 71 -14.34 6.35 -0.32
C PRO A 71 -13.38 6.45 -1.50
N LEU A 72 -12.44 7.40 -1.46
CA LEU A 72 -11.47 7.55 -2.52
C LEU A 72 -10.07 7.26 -2.00
N PRO A 73 -9.20 6.71 -2.86
CA PRO A 73 -7.83 6.41 -2.39
C PRO A 73 -7.01 7.68 -2.43
N ASP A 74 -7.53 8.75 -1.85
CA ASP A 74 -6.81 10.01 -1.83
C ASP A 74 -6.11 10.24 -0.51
N TYR A 75 -6.30 9.34 0.45
CA TYR A 75 -5.63 9.43 1.74
C TYR A 75 -4.53 8.36 1.72
N THR A 76 -4.94 7.09 1.80
CA THR A 76 -3.99 5.97 1.71
C THR A 76 -4.56 5.11 0.59
N GLU A 77 -3.88 4.02 0.21
CA GLU A 77 -4.37 3.19 -0.91
C GLU A 77 -5.72 2.56 -0.69
N GLU A 78 -6.09 2.33 0.56
CA GLU A 78 -7.37 1.70 0.87
C GLU A 78 -8.61 2.55 0.63
N THR A 79 -9.71 1.87 0.36
CA THR A 79 -10.99 2.50 0.14
C THR A 79 -12.03 1.59 0.81
N LEU A 80 -13.15 2.17 1.22
CA LEU A 80 -14.22 1.45 1.86
C LEU A 80 -14.67 0.21 1.08
N SER A 81 -14.97 0.39 -0.20
CA SER A 81 -15.43 -0.68 -1.07
C SER A 81 -14.40 -1.80 -1.24
N SER A 82 -13.14 -1.44 -1.39
CA SER A 82 -12.09 -2.42 -1.56
C SER A 82 -11.69 -3.07 -0.23
N ALA A 83 -11.76 -2.30 0.86
CA ALA A 83 -11.38 -2.83 2.16
C ALA A 83 -12.38 -3.83 2.67
N ILE A 84 -13.66 -3.50 2.57
CA ILE A 84 -14.71 -4.40 3.02
C ILE A 84 -14.65 -5.66 2.16
N LEU A 85 -14.10 -5.54 0.97
CA LEU A 85 -13.96 -6.68 0.07
C LEU A 85 -12.85 -7.60 0.62
N ILE A 86 -11.75 -7.00 1.06
CA ILE A 86 -10.64 -7.74 1.65
C ILE A 86 -11.12 -8.40 2.97
N ILE A 87 -11.97 -7.69 3.73
CA ILE A 87 -12.49 -8.26 4.97
C ILE A 87 -13.24 -9.55 4.69
N LYS A 88 -14.13 -9.50 3.70
CA LYS A 88 -14.94 -10.66 3.34
C LYS A 88 -14.11 -11.77 2.73
N GLU A 89 -13.28 -11.42 1.77
CA GLU A 89 -12.46 -12.42 1.10
C GLU A 89 -11.19 -12.83 1.77
N GLN A 90 -10.69 -12.03 2.69
CA GLN A 90 -9.41 -12.34 3.32
C GLN A 90 -9.36 -12.48 4.84
N LEU A 91 -9.95 -11.55 5.57
CA LEU A 91 -9.88 -11.62 7.02
C LEU A 91 -10.86 -12.54 7.71
N LEU A 92 -12.14 -12.43 7.38
CA LEU A 92 -13.14 -13.27 8.03
C LEU A 92 -12.94 -14.77 7.84
N PRO A 93 -12.48 -15.21 6.68
CA PRO A 93 -12.28 -16.65 6.50
C PRO A 93 -11.28 -17.25 7.49
N LEU A 94 -10.32 -16.45 7.92
CA LEU A 94 -9.29 -16.90 8.86
C LEU A 94 -9.84 -17.18 10.25
N LEU A 95 -10.87 -16.44 10.65
CA LEU A 95 -11.48 -16.60 11.97
C LEU A 95 -12.43 -17.78 12.00
N ALA A 96 -12.99 -18.10 10.84
CA ALA A 96 -13.96 -19.16 10.67
C ALA A 96 -13.74 -20.35 11.59
N GLN A 97 -12.63 -21.02 11.37
CA GLN A 97 -12.29 -22.20 12.14
C GLN A 97 -11.85 -21.89 13.58
N ARG A 98 -10.81 -21.07 13.66
CA ARG A 98 -10.12 -20.64 14.86
C ARG A 98 -10.72 -20.42 16.22
N LYS A 99 -9.87 -20.71 17.20
CA LYS A 99 -10.11 -20.55 18.62
C LYS A 99 -9.19 -19.39 18.95
N ILE A 100 -9.71 -18.33 19.53
CA ILE A 100 -8.88 -17.18 19.84
C ILE A 100 -8.71 -17.09 21.33
N ARG A 101 -7.46 -17.02 21.79
CA ARG A 101 -7.15 -16.92 23.21
C ARG A 101 -6.82 -15.50 23.67
N LYS A 102 -6.10 -14.76 22.85
CA LYS A 102 -5.78 -13.38 23.21
C LYS A 102 -6.23 -12.47 22.07
N PRO A 103 -6.75 -11.28 22.39
CA PRO A 103 -7.15 -10.45 21.26
C PRO A 103 -5.94 -10.20 20.35
N GLU A 104 -4.74 -10.23 20.93
CA GLU A 104 -3.55 -9.99 20.15
C GLU A 104 -3.17 -11.11 19.19
N GLU A 105 -3.86 -12.23 19.24
CA GLU A 105 -3.54 -13.32 18.29
C GLU A 105 -4.00 -12.89 16.89
N ILE A 106 -4.92 -11.93 16.84
CA ILE A 106 -5.47 -11.44 15.58
C ILE A 106 -4.45 -10.77 14.65
N GLN A 107 -3.57 -9.93 15.20
CA GLN A 107 -2.57 -9.31 14.35
C GLN A 107 -1.72 -10.41 13.72
N GLU A 108 -1.44 -11.45 14.49
CA GLU A 108 -0.64 -12.56 14.01
C GLU A 108 -1.19 -13.30 12.82
N LEU A 109 -2.42 -13.80 12.90
CA LEU A 109 -2.90 -14.54 11.75
C LEU A 109 -3.12 -13.65 10.54
N PHE A 110 -3.10 -12.33 10.77
CA PHE A 110 -3.25 -11.40 9.66
C PHE A 110 -1.86 -10.91 9.23
N SER A 111 -0.85 -11.30 9.99
CA SER A 111 0.53 -10.89 9.71
C SER A 111 1.00 -11.14 8.29
N TRP A 112 0.69 -12.30 7.73
CA TRP A 112 1.13 -12.63 6.37
C TRP A 112 0.51 -11.72 5.33
N ILE A 113 -0.50 -10.94 5.74
CA ILE A 113 -1.14 -10.05 4.80
C ILE A 113 -0.42 -8.72 4.71
N GLN A 114 -0.05 -8.35 3.49
CA GLN A 114 0.65 -7.10 3.22
C GLN A 114 -0.32 -5.92 3.13
N GLY A 115 -0.02 -4.84 3.83
CA GLY A 115 -0.88 -3.67 3.80
C GLY A 115 -2.27 -3.99 4.25
N ASN A 116 -3.25 -3.30 3.69
CA ASN A 116 -4.64 -3.54 4.06
C ASN A 116 -4.86 -3.39 5.57
N GLU A 117 -4.22 -2.39 6.18
CA GLU A 117 -4.34 -2.16 7.61
C GLU A 117 -5.71 -1.75 8.12
N MET A 118 -6.41 -0.93 7.35
CA MET A 118 -7.71 -0.46 7.79
C MET A 118 -8.76 -1.55 7.76
N ALA A 119 -8.53 -2.58 6.94
CA ALA A 119 -9.46 -3.71 6.87
C ALA A 119 -9.18 -4.52 8.13
N LYS A 120 -7.91 -4.82 8.38
CA LYS A 120 -7.51 -5.55 9.57
C LYS A 120 -8.07 -4.92 10.85
N ALA A 121 -7.87 -3.61 10.96
CA ALA A 121 -8.30 -2.85 12.12
C ALA A 121 -9.77 -3.01 12.42
N ALA A 122 -10.62 -2.89 11.41
CA ALA A 122 -12.06 -3.01 11.61
C ALA A 122 -12.41 -4.34 12.26
N VAL A 123 -11.77 -5.41 11.79
CA VAL A 123 -12.03 -6.75 12.33
C VAL A 123 -11.35 -6.99 13.66
N GLU A 124 -10.08 -6.62 13.77
CA GLU A 124 -9.33 -6.83 14.99
C GLU A 124 -9.88 -6.05 16.18
N LEU A 125 -10.26 -4.79 15.96
CA LEU A 125 -10.80 -3.96 17.04
C LEU A 125 -12.10 -4.57 17.53
N ALA A 126 -12.79 -5.29 16.66
CA ALA A 126 -14.03 -5.94 17.05
C ALA A 126 -13.68 -7.05 18.02
N VAL A 127 -12.63 -7.81 17.69
CA VAL A 127 -12.19 -8.91 18.54
C VAL A 127 -11.76 -8.40 19.91
N TRP A 128 -11.13 -7.23 19.99
CA TRP A 128 -10.74 -6.71 21.30
C TRP A 128 -11.96 -6.40 22.14
N ASP A 129 -12.90 -5.65 21.59
CA ASP A 129 -14.14 -5.29 22.28
C ASP A 129 -14.81 -6.55 22.82
N ALA A 130 -14.79 -7.62 22.02
CA ALA A 130 -15.40 -8.88 22.42
C ALA A 130 -14.73 -9.47 23.65
N PHE A 131 -13.41 -9.30 23.78
CA PHE A 131 -12.71 -9.83 24.94
C PHE A 131 -12.92 -8.95 26.17
N ALA A 132 -12.75 -7.65 26.02
CA ALA A 132 -12.95 -6.76 27.16
C ALA A 132 -14.34 -7.01 27.72
N LYS A 133 -15.29 -7.30 26.83
CA LYS A 133 -16.67 -7.59 27.23
C LYS A 133 -16.69 -8.85 28.09
N MET A 134 -16.01 -9.88 27.59
CA MET A 134 -15.92 -11.15 28.29
C MET A 134 -15.33 -10.98 29.69
N GLU A 135 -14.36 -10.08 29.83
CA GLU A 135 -13.73 -9.84 31.12
C GLU A 135 -14.38 -8.76 31.95
N LYS A 136 -15.63 -8.43 31.63
CA LYS A 136 -16.37 -7.40 32.37
C LYS A 136 -15.54 -6.15 32.67
N ARG A 137 -14.72 -5.73 31.71
CA ARG A 137 -13.89 -4.54 31.88
C ARG A 137 -14.12 -3.53 30.77
N SER A 138 -13.66 -2.31 30.98
CA SER A 138 -13.78 -1.29 29.95
C SER A 138 -12.71 -1.75 28.97
N LEU A 139 -12.76 -1.29 27.73
CA LEU A 139 -11.74 -1.67 26.79
C LEU A 139 -10.55 -0.83 27.25
N ALA A 140 -10.85 0.33 27.82
CA ALA A 140 -9.82 1.23 28.32
C ALA A 140 -9.13 0.59 29.52
N LYS A 141 -9.90 0.08 30.46
CA LYS A 141 -9.34 -0.56 31.65
C LYS A 141 -8.40 -1.68 31.22
N MET A 142 -8.92 -2.54 30.35
CA MET A 142 -8.18 -3.69 29.82
C MET A 142 -6.84 -3.37 29.17
N ILE A 143 -6.77 -2.43 28.22
CA ILE A 143 -5.47 -2.14 27.63
C ILE A 143 -4.56 -1.46 28.65
N GLY A 144 -5.04 -1.34 29.90
CA GLY A 144 -4.23 -0.74 30.95
C GLY A 144 -4.38 0.74 31.25
N ALA A 145 -5.21 1.46 30.52
CA ALA A 145 -5.36 2.89 30.78
C ALA A 145 -5.78 3.18 32.20
N THR A 146 -5.51 4.39 32.65
CA THR A 146 -5.87 4.80 34.00
C THR A 146 -6.68 6.09 34.01
N LYS A 147 -6.41 6.97 33.04
CA LYS A 147 -7.14 8.22 32.98
C LYS A 147 -8.64 7.91 33.00
N GLU A 148 -9.46 8.94 33.25
CA GLU A 148 -10.89 8.76 33.27
C GLU A 148 -11.51 9.79 32.34
N SER A 149 -10.63 10.63 31.80
CA SER A 149 -11.01 11.67 30.88
C SER A 149 -9.74 11.98 30.11
N ILE A 150 -9.89 12.55 28.91
CA ILE A 150 -8.71 12.88 28.11
C ILE A 150 -8.91 14.24 27.46
N LYS A 151 -7.82 14.99 27.32
CA LYS A 151 -7.88 16.30 26.70
C LYS A 151 -7.80 16.15 25.19
N VAL A 152 -8.88 16.50 24.50
CA VAL A 152 -8.94 16.39 23.06
C VAL A 152 -8.66 17.77 22.47
N GLY A 153 -8.19 17.78 21.23
CA GLY A 153 -7.88 19.04 20.55
C GLY A 153 -8.89 19.35 19.48
N VAL A 154 -8.55 20.28 18.60
CA VAL A 154 -9.44 20.71 17.53
C VAL A 154 -8.65 21.11 16.28
N SER A 155 -9.20 20.82 15.10
CA SER A 155 -8.51 21.14 13.87
C SER A 155 -9.23 22.19 13.03
N ILE A 156 -8.48 23.18 12.55
CA ILE A 156 -9.05 24.25 11.73
C ILE A 156 -8.41 24.20 10.36
N GLY A 157 -9.26 24.21 9.33
CA GLY A 157 -8.77 24.18 7.96
C GLY A 157 -8.17 25.51 7.55
N LEU A 158 -8.02 25.72 6.23
CA LEU A 158 -7.44 26.96 5.73
C LEU A 158 -8.48 28.08 5.71
N GLN A 159 -8.08 29.26 6.16
CA GLN A 159 -8.97 30.42 6.19
C GLN A 159 -8.43 31.48 5.23
N GLN A 160 -9.32 32.23 4.60
CA GLN A 160 -8.86 33.27 3.68
C GLN A 160 -8.38 34.46 4.50
N ASN A 161 -9.10 34.76 5.56
CA ASN A 161 -8.72 35.87 6.42
C ASN A 161 -7.86 35.39 7.59
N VAL A 162 -6.97 36.25 8.03
CA VAL A 162 -6.14 35.94 9.18
C VAL A 162 -7.08 36.27 10.32
N GLU A 163 -7.85 37.32 10.08
CA GLU A 163 -8.83 37.84 11.01
C GLU A 163 -9.84 36.79 11.41
N THR A 164 -10.35 36.07 10.42
CA THR A 164 -11.35 35.04 10.68
C THR A 164 -10.77 33.80 11.33
N LEU A 165 -9.49 33.53 11.09
CA LEU A 165 -8.87 32.37 11.71
C LEU A 165 -8.77 32.64 13.20
N LEU A 166 -8.35 33.86 13.53
CA LEU A 166 -8.21 34.29 14.91
C LEU A 166 -9.54 34.26 15.65
N GLN A 167 -10.63 34.47 14.93
CA GLN A 167 -11.95 34.44 15.54
C GLN A 167 -12.29 32.99 15.86
N LEU A 168 -12.02 32.11 14.90
CA LEU A 168 -12.27 30.68 15.10
C LEU A 168 -11.43 30.17 16.25
N VAL A 169 -10.15 30.56 16.26
CA VAL A 169 -9.23 30.14 17.30
C VAL A 169 -9.74 30.57 18.68
N ASN A 170 -10.39 31.73 18.72
CA ASN A 170 -10.92 32.26 19.96
C ASN A 170 -12.09 31.44 20.51
N GLN A 171 -13.02 31.07 19.64
CA GLN A 171 -14.17 30.28 20.04
C GLN A 171 -13.75 29.02 20.79
N TYR A 172 -12.94 28.21 20.14
CA TYR A 172 -12.48 26.96 20.74
C TYR A 172 -11.77 27.11 22.06
N VAL A 173 -10.79 28.02 22.12
CA VAL A 173 -10.06 28.22 23.37
C VAL A 173 -11.02 28.47 24.51
N ASP A 174 -11.99 29.34 24.29
CA ASP A 174 -12.98 29.65 25.30
C ASP A 174 -13.82 28.41 25.58
N GLN A 175 -13.95 27.54 24.59
CA GLN A 175 -14.73 26.33 24.74
C GLN A 175 -13.99 25.26 25.56
N GLY A 176 -12.68 25.46 25.76
CA GLY A 176 -11.92 24.51 26.55
C GLY A 176 -10.87 23.71 25.83
N TYR A 177 -10.87 23.74 24.50
CA TYR A 177 -9.87 23.00 23.73
C TYR A 177 -8.49 23.50 24.08
N GLU A 178 -7.68 22.61 24.65
CA GLU A 178 -6.33 22.98 25.05
C GLU A 178 -5.27 22.84 23.95
N ARG A 179 -5.68 22.49 22.74
CA ARG A 179 -4.71 22.35 21.64
C ARG A 179 -5.39 22.58 20.30
N VAL A 180 -4.71 23.29 19.42
CA VAL A 180 -5.27 23.57 18.11
C VAL A 180 -4.34 23.16 16.98
N LYS A 181 -4.91 22.46 16.00
CA LYS A 181 -4.14 22.04 14.83
C LYS A 181 -4.52 23.00 13.71
N LEU A 182 -3.52 23.70 13.17
CA LEU A 182 -3.79 24.64 12.09
C LEU A 182 -3.42 23.99 10.78
N LYS A 183 -4.26 24.13 9.78
CA LYS A 183 -3.95 23.54 8.49
C LYS A 183 -3.09 24.57 7.77
N ILE A 184 -1.96 24.10 7.24
CA ILE A 184 -0.97 24.94 6.57
C ILE A 184 -0.85 24.67 5.09
N ALA A 185 -0.34 25.65 4.35
CA ALA A 185 -0.13 25.53 2.91
C ALA A 185 0.76 26.70 2.47
N PRO A 186 1.71 26.46 1.55
CA PRO A 186 2.66 27.43 1.00
C PRO A 186 2.27 28.91 0.95
N ASN A 187 1.05 29.22 0.53
CA ASN A 187 0.63 30.63 0.47
C ASN A 187 -0.06 31.06 1.76
N LYS A 188 -0.55 30.11 2.53
CA LYS A 188 -1.24 30.40 3.78
C LYS A 188 -0.60 29.66 4.93
N ASP A 189 0.62 30.03 5.29
CA ASP A 189 1.30 29.35 6.38
C ASP A 189 1.85 30.24 7.48
N ILE A 190 3.00 30.85 7.24
CA ILE A 190 3.66 31.70 8.23
C ILE A 190 2.82 32.84 8.82
N GLN A 191 2.12 33.55 7.96
CA GLN A 191 1.30 34.66 8.41
C GLN A 191 0.18 34.27 9.37
N PHE A 192 -0.35 33.06 9.24
CA PHE A 192 -1.41 32.59 10.12
C PHE A 192 -0.85 32.10 11.44
N VAL A 193 0.27 31.37 11.39
CA VAL A 193 0.88 30.86 12.60
C VAL A 193 1.18 32.01 13.55
N GLU A 194 1.82 33.08 13.06
CA GLU A 194 2.13 34.24 13.89
C GLU A 194 0.85 34.65 14.56
N ALA A 195 -0.04 35.16 13.73
CA ALA A 195 -1.35 35.63 14.14
C ALA A 195 -1.86 34.86 15.34
N VAL A 196 -1.83 33.54 15.26
CA VAL A 196 -2.32 32.70 16.35
C VAL A 196 -1.32 32.64 17.49
N ARG A 197 -0.02 32.52 17.18
CA ARG A 197 0.98 32.44 18.23
C ARG A 197 1.09 33.76 18.99
N LYS A 198 1.13 34.85 18.23
CA LYS A 198 1.20 36.20 18.82
C LYS A 198 -0.22 36.62 19.15
N SER A 199 -0.85 35.88 20.07
CA SER A 199 -2.23 36.14 20.46
C SER A 199 -2.63 35.07 21.49
N PHE A 200 -2.02 33.91 21.37
CA PHE A 200 -2.27 32.81 22.28
C PHE A 200 -0.89 32.24 22.53
N PRO A 201 -0.01 33.05 23.14
CA PRO A 201 1.38 32.70 23.45
C PRO A 201 1.58 31.45 24.32
N LYS A 202 0.49 30.96 24.92
CA LYS A 202 0.60 29.79 25.79
C LYS A 202 -0.19 28.58 25.31
N LEU A 203 -0.94 28.75 24.22
CA LEU A 203 -1.73 27.67 23.66
C LEU A 203 -0.87 26.70 22.86
N SER A 204 -0.96 25.40 23.16
CA SER A 204 -0.18 24.41 22.41
C SER A 204 -0.76 24.48 21.01
N LEU A 205 0.11 24.56 20.02
CA LEU A 205 -0.33 24.69 18.64
C LEU A 205 0.54 23.89 17.70
N MET A 206 -0.08 23.17 16.78
CA MET A 206 0.67 22.39 15.80
C MET A 206 0.18 22.78 14.41
N ALA A 207 0.94 22.40 13.39
CA ALA A 207 0.55 22.70 12.02
C ALA A 207 0.55 21.43 11.20
N ASP A 208 -0.48 21.28 10.35
CA ASP A 208 -0.61 20.11 9.47
C ASP A 208 -0.38 20.60 8.05
N ALA A 209 0.69 20.15 7.41
CA ALA A 209 1.00 20.60 6.05
C ALA A 209 0.49 19.70 4.92
N ASN A 210 -0.30 18.69 5.24
CA ASN A 210 -0.85 17.77 4.25
C ASN A 210 -0.06 17.52 2.96
N SER A 211 1.23 17.23 3.10
CA SER A 211 2.07 16.95 1.93
C SER A 211 1.93 18.02 0.85
N ALA A 212 2.06 19.28 1.22
CA ALA A 212 1.91 20.35 0.25
C ALA A 212 3.22 21.06 -0.09
N TYR A 213 4.32 20.62 0.52
CA TYR A 213 5.61 21.25 0.30
C TYR A 213 6.66 20.39 -0.39
N ASN A 214 7.73 21.01 -0.88
CA ASN A 214 8.84 20.32 -1.55
C ASN A 214 10.07 20.75 -0.78
N ARG A 215 11.22 20.16 -1.09
CA ARG A 215 12.44 20.56 -0.41
C ARG A 215 12.68 22.06 -0.61
N GLU A 216 12.39 22.51 -1.83
CA GLU A 216 12.57 23.91 -2.20
C GLU A 216 11.87 24.90 -1.28
N ASP A 217 10.96 24.40 -0.45
CA ASP A 217 10.23 25.26 0.47
C ASP A 217 10.77 25.20 1.90
N PHE A 218 11.98 24.66 2.08
CA PHE A 218 12.50 24.56 3.43
C PHE A 218 12.61 25.91 4.12
N LEU A 219 12.73 26.99 3.35
CA LEU A 219 12.82 28.31 3.95
C LEU A 219 11.51 28.61 4.68
N LEU A 220 10.40 28.39 3.99
CA LEU A 220 9.09 28.62 4.57
C LEU A 220 8.96 27.83 5.84
N LEU A 221 9.29 26.54 5.76
CA LEU A 221 9.20 25.65 6.92
C LEU A 221 10.14 26.02 8.05
N LYS A 222 11.30 26.58 7.74
CA LYS A 222 12.21 26.97 8.81
C LYS A 222 11.67 28.17 9.57
N GLU A 223 10.94 29.03 8.88
CA GLU A 223 10.37 30.23 9.48
C GLU A 223 9.30 29.95 10.51
N LEU A 224 8.86 28.69 10.59
CA LEU A 224 7.83 28.30 11.55
C LEU A 224 8.44 27.76 12.82
N ASP A 225 9.70 27.35 12.72
CA ASP A 225 10.41 26.78 13.85
C ASP A 225 10.36 27.69 15.05
N GLN A 226 10.43 28.98 14.80
CA GLN A 226 10.42 29.96 15.86
C GLN A 226 9.08 30.35 16.46
N TYR A 227 8.04 29.55 16.20
CA TYR A 227 6.74 29.85 16.76
C TYR A 227 6.36 28.82 17.79
N ASP A 228 7.35 28.11 18.32
CA ASP A 228 7.11 27.09 19.34
C ASP A 228 6.00 26.16 18.88
N LEU A 229 6.03 25.78 17.61
CA LEU A 229 5.03 24.88 17.09
C LEU A 229 5.28 23.50 17.69
N GLU A 230 4.24 22.89 18.24
CA GLU A 230 4.35 21.58 18.87
C GLU A 230 4.91 20.54 17.89
N MET A 231 4.48 20.65 16.63
CA MET A 231 4.91 19.76 15.57
C MET A 231 4.32 20.21 14.23
N ILE A 232 4.93 19.75 13.15
CA ILE A 232 4.49 20.05 11.78
C ILE A 232 4.27 18.70 11.11
N GLU A 233 3.01 18.36 10.83
CA GLU A 233 2.69 17.07 10.22
C GLU A 233 2.87 16.97 8.73
N GLN A 234 3.52 15.88 8.33
CA GLN A 234 3.83 15.53 6.96
C GLN A 234 3.98 16.64 5.93
N PRO A 235 5.09 17.41 5.99
CA PRO A 235 5.34 18.50 5.06
C PRO A 235 5.54 17.96 3.66
N PHE A 236 6.33 16.89 3.55
CA PHE A 236 6.65 16.29 2.26
C PHE A 236 5.83 15.05 1.92
N GLY A 237 6.35 14.23 1.01
CA GLY A 237 5.67 13.04 0.53
C GLY A 237 5.04 12.09 1.54
N THR A 238 3.95 11.46 1.12
CA THR A 238 3.26 10.51 1.98
C THR A 238 4.00 9.18 2.12
N LYS A 239 5.11 9.01 1.43
CA LYS A 239 5.89 7.78 1.52
C LYS A 239 7.31 8.14 1.88
N ASP A 240 7.60 9.42 1.92
CA ASP A 240 8.94 9.92 2.21
C ASP A 240 9.46 9.79 3.63
N PHE A 241 10.74 9.46 3.72
CA PHE A 241 11.46 9.31 4.97
C PHE A 241 12.64 10.24 4.83
N VAL A 242 13.31 10.10 3.69
CA VAL A 242 14.50 10.88 3.35
C VAL A 242 14.38 12.41 3.43
N ASP A 243 13.49 13.02 2.65
CA ASP A 243 13.34 14.48 2.70
C ASP A 243 12.89 14.97 4.06
N HIS A 244 12.11 14.15 4.76
CA HIS A 244 11.64 14.52 6.08
C HIS A 244 12.84 14.59 7.01
N ALA A 245 13.71 13.60 6.93
CA ALA A 245 14.92 13.59 7.76
C ALA A 245 15.81 14.80 7.45
N TRP A 246 15.94 15.11 6.17
CA TRP A 246 16.76 16.23 5.75
C TRP A 246 16.21 17.53 6.32
N LEU A 247 14.92 17.56 6.63
CA LEU A 247 14.27 18.75 7.16
C LEU A 247 14.29 18.76 8.69
N GLN A 248 14.12 17.59 9.28
CA GLN A 248 14.09 17.45 10.72
C GLN A 248 15.37 17.92 11.37
N LYS A 249 16.49 17.58 10.73
CA LYS A 249 17.81 17.93 11.22
C LYS A 249 18.06 19.44 11.18
N GLN A 250 17.19 20.18 10.50
CA GLN A 250 17.32 21.63 10.36
C GLN A 250 16.29 22.37 11.19
N LEU A 251 15.50 21.65 12.00
CA LEU A 251 14.48 22.31 12.80
C LEU A 251 14.46 21.91 14.27
N LYS A 252 13.91 22.79 15.10
CA LYS A 252 13.77 22.55 16.54
C LYS A 252 12.43 21.84 16.74
N THR A 253 11.42 22.31 16.01
CA THR A 253 10.08 21.74 16.05
C THR A 253 10.14 20.30 15.61
N ARG A 254 9.25 19.46 16.14
CA ARG A 254 9.24 18.06 15.74
C ARG A 254 8.51 17.94 14.41
N ILE A 255 8.87 16.93 13.63
CA ILE A 255 8.18 16.67 12.37
C ILE A 255 7.29 15.47 12.70
N CYS A 256 6.11 15.42 12.11
CA CYS A 256 5.22 14.33 12.42
C CYS A 256 4.81 13.57 11.17
N LEU A 257 4.94 12.24 11.22
CA LEU A 257 4.55 11.43 10.08
C LEU A 257 3.14 10.91 10.30
N ASP A 258 2.51 10.52 9.21
CA ASP A 258 1.14 10.05 9.26
C ASP A 258 0.94 8.85 8.34
N GLU A 259 0.71 9.14 7.07
CA GLU A 259 0.44 8.15 6.04
C GLU A 259 1.35 6.93 5.99
N ASN A 260 2.66 7.14 6.00
CA ASN A 260 3.61 6.02 5.91
C ASN A 260 3.95 5.29 7.20
N ILE A 261 3.22 5.59 8.26
CA ILE A 261 3.44 4.94 9.55
C ILE A 261 2.36 3.89 9.73
N ARG A 262 2.69 2.64 9.42
CA ARG A 262 1.73 1.55 9.54
C ARG A 262 2.05 0.57 10.68
N SER A 263 3.27 0.61 11.21
CA SER A 263 3.63 -0.32 12.26
C SER A 263 4.84 0.13 13.06
N VAL A 264 5.18 -0.63 14.10
CA VAL A 264 6.33 -0.29 14.92
C VAL A 264 7.53 -0.30 13.99
N LYS A 265 7.57 -1.31 13.13
CA LYS A 265 8.64 -1.45 12.16
C LYS A 265 8.77 -0.15 11.35
N ASP A 266 7.62 0.44 10.96
CA ASP A 266 7.67 1.67 10.19
C ASP A 266 8.22 2.82 11.01
N VAL A 267 7.91 2.84 12.31
CA VAL A 267 8.41 3.89 13.17
C VAL A 267 9.92 3.69 13.30
N GLU A 268 10.35 2.45 13.48
CA GLU A 268 11.77 2.13 13.62
C GLU A 268 12.59 2.68 12.47
N GLN A 269 12.09 2.58 11.25
CA GLN A 269 12.80 3.11 10.10
C GLN A 269 12.87 4.62 10.16
N ALA A 270 11.70 5.24 10.35
CA ALA A 270 11.63 6.70 10.42
C ALA A 270 12.59 7.20 11.49
N HIS A 271 12.72 6.43 12.56
CA HIS A 271 13.58 6.79 13.67
C HIS A 271 15.05 6.74 13.29
N SER A 272 15.53 5.57 12.89
CA SER A 272 16.93 5.44 12.52
C SER A 272 17.32 6.39 11.40
N ILE A 273 16.37 6.71 10.53
CA ILE A 273 16.66 7.63 9.43
C ILE A 273 16.58 9.09 9.92
N GLY A 274 15.82 9.29 10.98
CA GLY A 274 15.67 10.62 11.54
C GLY A 274 14.69 11.41 10.73
N SER A 275 13.61 10.76 10.33
CA SER A 275 12.58 11.41 9.53
C SER A 275 11.63 12.25 10.40
N CYS A 276 11.50 11.89 11.67
CA CYS A 276 10.58 12.62 12.53
C CYS A 276 10.87 12.54 14.02
N ARG A 277 10.11 13.30 14.80
CA ARG A 277 10.25 13.32 16.24
C ARG A 277 8.90 13.11 16.86
N ALA A 278 7.87 13.00 16.02
CA ALA A 278 6.50 12.77 16.48
C ALA A 278 5.72 11.89 15.49
N ILE A 279 4.79 11.09 16.00
CA ILE A 279 3.96 10.19 15.18
C ILE A 279 2.47 10.36 15.37
N ASN A 280 1.73 10.55 14.27
CA ASN A 280 0.28 10.72 14.31
C ASN A 280 -0.31 9.32 14.26
N LEU A 281 -0.62 8.75 15.41
CA LEU A 281 -1.15 7.40 15.45
C LEU A 281 -2.66 7.26 15.32
N LYS A 282 -3.12 6.61 14.25
CA LYS A 282 -4.55 6.37 14.00
C LYS A 282 -4.80 4.86 13.96
N LEU A 283 -5.60 4.35 14.88
CA LEU A 283 -5.89 2.91 14.94
C LEU A 283 -6.07 2.22 13.60
N ALA A 284 -6.98 2.75 12.78
CA ALA A 284 -7.26 2.14 11.47
C ALA A 284 -6.03 2.04 10.59
N ARG A 285 -5.35 3.16 10.38
CA ARG A 285 -4.18 3.19 9.52
C ARG A 285 -3.03 2.31 9.99
N VAL A 286 -3.06 1.92 11.26
CA VAL A 286 -1.98 1.14 11.83
C VAL A 286 -2.33 -0.33 12.03
N GLY A 287 -3.52 -0.73 11.58
CA GLY A 287 -3.93 -2.12 11.70
C GLY A 287 -4.56 -2.65 12.97
N GLY A 288 -4.96 -1.78 13.88
CA GLY A 288 -5.59 -2.27 15.09
C GLY A 288 -4.98 -1.84 16.41
N MET A 289 -5.48 -2.46 17.48
CA MET A 289 -5.06 -2.17 18.84
C MET A 289 -3.68 -2.74 19.20
N SER A 290 -3.47 -4.04 18.95
CA SER A 290 -2.19 -4.65 19.27
C SER A 290 -1.08 -3.78 18.72
N SER A 291 -1.19 -3.48 17.44
CA SER A 291 -0.23 -2.66 16.72
C SER A 291 -0.09 -1.25 17.30
N ALA A 292 -1.22 -0.61 17.60
CA ALA A 292 -1.16 0.74 18.14
C ALA A 292 -0.40 0.82 19.46
N LEU A 293 -0.68 -0.11 20.37
CA LEU A 293 0.00 -0.12 21.66
C LEU A 293 1.50 -0.36 21.49
N LYS A 294 1.88 -1.32 20.64
CA LYS A 294 3.29 -1.59 20.40
C LYS A 294 3.99 -0.31 19.99
N ILE A 295 3.34 0.47 19.13
CA ILE A 295 3.90 1.73 18.65
C ILE A 295 3.98 2.78 19.75
N ALA A 296 2.93 2.87 20.56
CA ALA A 296 2.88 3.84 21.67
C ALA A 296 4.02 3.57 22.64
N GLU A 297 4.17 2.30 23.00
CA GLU A 297 5.23 1.89 23.90
C GLU A 297 6.58 2.26 23.32
N TYR A 298 6.77 1.99 22.03
CA TYR A 298 8.03 2.30 21.37
C TYR A 298 8.35 3.80 21.31
N CYS A 299 7.35 4.62 21.01
CA CYS A 299 7.58 6.06 20.96
C CYS A 299 7.98 6.55 22.35
N ALA A 300 7.34 5.98 23.36
CA ALA A 300 7.63 6.36 24.75
C ALA A 300 9.11 6.06 25.10
N LEU A 301 9.62 4.92 24.66
CA LEU A 301 11.00 4.55 24.93
C LEU A 301 12.03 5.29 24.09
N ASN A 302 11.60 5.94 23.02
CA ASN A 302 12.55 6.64 22.16
C ASN A 302 12.23 8.10 21.94
N GLU A 303 11.71 8.74 22.98
CA GLU A 303 11.39 10.17 22.96
C GLU A 303 10.57 10.68 21.79
N ILE A 304 9.85 9.78 21.12
CA ILE A 304 9.02 10.17 19.99
C ILE A 304 7.60 10.49 20.48
N LEU A 305 7.14 11.71 20.20
CA LEU A 305 5.82 12.16 20.61
C LEU A 305 4.74 11.38 19.86
N VAL A 306 3.77 10.83 20.59
CA VAL A 306 2.71 10.07 19.96
C VAL A 306 1.35 10.59 20.41
N TRP A 307 0.42 10.66 19.47
CA TRP A 307 -0.92 11.15 19.76
C TRP A 307 -1.94 10.52 18.84
N CYS A 308 -3.19 10.50 19.25
CA CYS A 308 -4.24 9.90 18.42
C CYS A 308 -4.80 10.84 17.37
N GLY A 309 -4.56 10.51 16.11
CA GLY A 309 -5.11 11.32 15.04
C GLY A 309 -6.54 10.85 14.86
N GLY A 310 -7.25 11.37 13.86
CA GLY A 310 -8.61 10.93 13.68
C GLY A 310 -8.95 10.59 12.24
N MET A 311 -10.13 10.00 12.06
CA MET A 311 -10.59 9.61 10.73
C MET A 311 -12.11 9.78 10.58
N LEU A 312 -12.66 10.78 11.28
CA LEU A 312 -14.10 11.03 11.22
C LEU A 312 -14.88 9.81 11.67
N GLU A 313 -14.48 9.21 12.79
CA GLU A 313 -15.17 8.02 13.27
C GLU A 313 -16.61 8.21 13.74
N ALA A 314 -17.44 7.20 13.52
CA ALA A 314 -18.81 7.26 13.97
C ALA A 314 -18.70 6.87 15.45
N GLY A 315 -19.81 6.53 16.10
CA GLY A 315 -19.76 6.17 17.50
C GLY A 315 -18.81 5.06 17.93
N VAL A 316 -18.80 3.96 17.19
CA VAL A 316 -17.94 2.81 17.48
C VAL A 316 -16.46 3.15 17.31
N GLY A 317 -16.11 3.78 16.20
CA GLY A 317 -14.74 4.13 15.96
C GLY A 317 -14.21 5.02 17.06
N ARG A 318 -15.01 6.01 17.46
CA ARG A 318 -14.64 6.97 18.50
C ARG A 318 -14.42 6.32 19.85
N ALA A 319 -15.28 5.38 20.21
CA ALA A 319 -15.17 4.68 21.50
C ALA A 319 -13.84 3.98 21.66
N HIS A 320 -13.39 3.33 20.59
CA HIS A 320 -12.10 2.63 20.61
C HIS A 320 -11.00 3.65 20.73
N ASN A 321 -11.07 4.67 19.88
CA ASN A 321 -10.08 5.71 19.85
C ASN A 321 -9.85 6.31 21.23
N ILE A 322 -10.92 6.52 21.98
CA ILE A 322 -10.82 7.12 23.30
C ILE A 322 -10.14 6.20 24.31
N ALA A 323 -10.32 4.90 24.16
CA ALA A 323 -9.68 3.94 25.07
C ALA A 323 -8.17 3.92 24.79
N LEU A 324 -7.80 4.07 23.53
CA LEU A 324 -6.38 4.09 23.16
C LEU A 324 -5.80 5.36 23.73
N ALA A 325 -6.48 6.47 23.48
CA ALA A 325 -6.06 7.79 23.95
C ALA A 325 -5.88 7.88 25.47
N ALA A 326 -6.56 7.02 26.21
CA ALA A 326 -6.49 7.00 27.68
C ALA A 326 -5.14 6.48 28.21
N ARG A 327 -4.35 5.84 27.34
CA ARG A 327 -3.04 5.31 27.73
C ARG A 327 -2.14 6.45 28.22
N ASN A 328 -1.14 6.12 29.03
CA ASN A 328 -0.24 7.14 29.55
C ASN A 328 0.69 7.78 28.52
N GLU A 329 1.09 7.02 27.50
CA GLU A 329 1.99 7.55 26.47
C GLU A 329 1.43 8.80 25.79
N PHE A 330 0.14 8.79 25.51
CA PHE A 330 -0.49 9.92 24.84
C PHE A 330 -0.65 11.08 25.78
N VAL A 331 0.07 12.15 25.50
CA VAL A 331 0.02 13.33 26.31
C VAL A 331 -0.63 14.44 25.50
N PHE A 332 -0.19 14.57 24.26
CA PHE A 332 -0.72 15.58 23.36
C PHE A 332 -2.19 15.24 23.06
N PRO A 333 -3.07 16.25 23.12
CA PRO A 333 -4.49 16.03 22.84
C PRO A 333 -4.70 15.40 21.45
N GLY A 334 -5.57 14.40 21.36
CA GLY A 334 -5.80 13.75 20.07
C GLY A 334 -6.89 14.40 19.24
N ASP A 335 -7.20 13.81 18.10
CA ASP A 335 -8.25 14.34 17.21
C ASP A 335 -9.56 13.62 17.45
N ILE A 336 -10.07 13.75 18.66
CA ILE A 336 -11.33 13.14 19.03
C ILE A 336 -12.26 14.25 19.49
N SER A 337 -13.56 14.05 19.39
CA SER A 337 -14.48 15.09 19.83
C SER A 337 -15.90 14.56 20.02
N ALA A 338 -16.75 15.38 20.61
CA ALA A 338 -18.15 15.01 20.84
C ALA A 338 -18.80 14.85 19.47
N SER A 339 -19.61 13.81 19.30
CA SER A 339 -20.27 13.56 18.03
C SER A 339 -20.84 14.84 17.45
N ASN A 340 -21.42 15.64 18.33
CA ASN A 340 -22.06 16.90 17.99
C ASN A 340 -21.22 17.90 17.20
N ARG A 341 -19.93 17.63 17.05
CA ARG A 341 -19.07 18.53 16.29
C ARG A 341 -19.14 18.24 14.81
N PHE A 342 -19.41 16.99 14.46
CA PHE A 342 -19.48 16.58 13.06
C PHE A 342 -20.85 16.07 12.63
N PHE A 343 -21.41 15.18 13.42
CA PHE A 343 -22.69 14.57 13.07
C PHE A 343 -23.89 15.17 13.76
N ALA A 344 -25.01 15.16 13.04
CA ALA A 344 -26.26 15.65 13.59
C ALA A 344 -26.64 14.57 14.59
N GLU A 345 -26.47 13.32 14.19
CA GLU A 345 -26.77 12.17 15.03
C GLU A 345 -25.65 11.16 14.94
N ASP A 346 -25.55 10.29 15.93
CA ASP A 346 -24.53 9.26 15.91
C ASP A 346 -25.22 7.93 16.14
N ILE A 347 -24.47 6.85 16.05
CA ILE A 347 -24.99 5.51 16.23
C ILE A 347 -24.58 4.89 17.57
N VAL A 348 -24.35 5.72 18.58
CA VAL A 348 -23.94 5.21 19.88
C VAL A 348 -24.71 5.93 20.99
N THR A 349 -25.43 5.15 21.81
CA THR A 349 -26.27 5.66 22.88
C THR A 349 -25.71 6.63 23.89
N PRO A 350 -24.56 6.32 24.51
CA PRO A 350 -24.12 7.35 25.45
C PRO A 350 -23.28 8.43 24.75
N ALA A 351 -23.95 9.46 24.25
CA ALA A 351 -23.27 10.56 23.54
C ALA A 351 -22.06 11.07 24.32
N PHE A 352 -21.04 11.53 23.59
CA PHE A 352 -19.85 12.04 24.25
C PHE A 352 -19.95 13.51 24.58
N GLU A 353 -20.02 13.80 25.87
CA GLU A 353 -20.14 15.16 26.35
C GLU A 353 -18.79 15.85 26.50
N LEU A 354 -18.67 17.02 25.90
CA LEU A 354 -17.45 17.79 26.00
C LEU A 354 -17.51 18.58 27.30
N ASN A 355 -16.53 18.39 28.17
CA ASN A 355 -16.49 19.12 29.43
C ASN A 355 -15.20 19.91 29.55
N GLN A 356 -15.16 21.01 28.81
CA GLN A 356 -14.01 21.91 28.80
C GLN A 356 -12.75 21.17 28.35
N GLY A 357 -12.70 20.87 27.06
CA GLY A 357 -11.57 20.19 26.47
C GLY A 357 -11.33 18.75 26.89
N ARG A 358 -12.30 18.12 27.53
CA ARG A 358 -12.14 16.74 27.96
C ARG A 358 -13.32 15.82 27.69
N LEU A 359 -13.03 14.55 27.43
CA LEU A 359 -14.05 13.53 27.16
C LEU A 359 -13.95 12.46 28.26
N LYS A 360 -15.10 11.94 28.68
CA LYS A 360 -15.11 10.93 29.72
C LYS A 360 -14.85 9.57 29.11
N VAL A 361 -13.85 8.87 29.65
CA VAL A 361 -13.49 7.53 29.18
C VAL A 361 -14.53 6.52 29.64
N PRO A 362 -15.13 5.79 28.70
CA PRO A 362 -16.14 4.78 29.01
C PRO A 362 -15.69 3.81 30.10
N THR A 363 -16.63 3.44 30.98
CA THR A 363 -16.36 2.51 32.07
C THR A 363 -17.17 1.23 31.90
N ASN A 364 -18.20 1.32 31.06
CA ASN A 364 -19.06 0.18 30.75
C ASN A 364 -18.24 -0.89 30.05
N GLU A 365 -18.68 -2.14 30.12
CA GLU A 365 -17.99 -3.26 29.48
C GLU A 365 -17.66 -3.00 28.01
N GLY A 366 -16.51 -3.52 27.56
CA GLY A 366 -16.10 -3.35 26.18
C GLY A 366 -15.75 -1.91 25.82
N ILE A 367 -16.16 -1.48 24.63
CA ILE A 367 -15.89 -0.11 24.18
C ILE A 367 -16.67 0.89 25.03
N GLY A 368 -17.60 0.38 25.83
CA GLY A 368 -18.37 1.22 26.72
C GLY A 368 -19.61 1.92 26.19
N VAL A 369 -20.00 1.66 24.96
CA VAL A 369 -21.17 2.30 24.42
C VAL A 369 -22.05 1.33 23.64
N THR A 370 -23.33 1.67 23.49
CA THR A 370 -24.26 0.81 22.78
C THR A 370 -24.80 1.42 21.49
N LEU A 371 -25.22 0.55 20.58
CA LEU A 371 -25.74 1.00 19.30
C LEU A 371 -27.22 1.38 19.36
N ASP A 372 -27.57 2.55 18.81
CA ASP A 372 -28.97 2.95 18.77
C ASP A 372 -29.48 2.16 17.58
N LEU A 373 -29.86 0.91 17.79
CA LEU A 373 -30.37 0.11 16.69
C LEU A 373 -31.42 0.91 15.92
N LYS A 374 -32.01 1.90 16.59
CA LYS A 374 -33.03 2.77 16.01
C LYS A 374 -32.37 3.73 15.04
N VAL A 375 -31.53 4.60 15.59
CA VAL A 375 -30.82 5.59 14.80
C VAL A 375 -30.10 4.90 13.64
N LEU A 376 -29.47 3.78 13.93
CA LEU A 376 -28.76 3.00 12.92
C LEU A 376 -29.62 2.65 11.73
N LYS A 377 -30.73 1.97 11.99
CA LYS A 377 -31.66 1.56 10.94
C LYS A 377 -31.89 2.59 9.85
N LYS A 378 -32.06 3.86 10.23
CA LYS A 378 -32.33 4.89 9.24
C LYS A 378 -31.12 5.41 8.50
N TYR A 379 -29.97 4.79 8.75
CA TYR A 379 -28.74 5.19 8.07
C TYR A 379 -28.06 3.97 7.50
N THR A 380 -28.67 2.82 7.72
CA THR A 380 -28.13 1.56 7.21
C THR A 380 -28.54 1.35 5.76
N LYS A 381 -27.57 1.03 4.91
CA LYS A 381 -27.82 0.82 3.49
C LYS A 381 -27.89 -0.68 3.13
N SER A 382 -27.27 -1.51 3.95
CA SER A 382 -27.32 -2.95 3.68
C SER A 382 -26.83 -3.72 4.89
N THR A 383 -27.27 -4.96 4.98
CA THR A 383 -26.87 -5.81 6.07
C THR A 383 -26.50 -7.18 5.52
N GLU A 384 -25.41 -7.72 6.03
CA GLU A 384 -24.96 -9.02 5.57
C GLU A 384 -24.43 -9.87 6.68
N GLU A 385 -24.99 -11.06 6.82
CA GLU A 385 -24.52 -11.96 7.87
C GLU A 385 -23.66 -13.05 7.30
N ILE A 386 -22.57 -13.35 7.98
CA ILE A 386 -21.66 -14.37 7.52
C ILE A 386 -21.40 -15.43 8.59
N LEU A 387 -21.70 -16.66 8.24
CA LEU A 387 -21.50 -17.79 9.12
C LEU A 387 -20.04 -18.16 9.22
N LEU A 388 -19.54 -18.26 10.45
CA LEU A 388 -18.16 -18.64 10.69
C LEU A 388 -18.06 -20.08 11.26
N ASN A 389 -19.09 -20.91 11.07
CA ASN A 389 -19.09 -22.32 11.53
C ASN A 389 -19.48 -23.34 10.43
N HIS B 19 -3.99 12.09 -30.23
CA HIS B 19 -5.32 12.58 -29.78
C HIS B 19 -6.43 11.52 -29.95
N MET B 20 -7.00 11.05 -28.83
CA MET B 20 -8.08 10.04 -28.87
C MET B 20 -8.98 10.07 -27.62
N TYR B 21 -10.18 9.52 -27.76
CA TYR B 21 -11.15 9.43 -26.67
C TYR B 21 -11.53 7.95 -26.53
N PHE B 22 -11.64 7.44 -25.31
CA PHE B 22 -12.01 6.06 -25.15
C PHE B 22 -13.50 5.85 -25.06
N GLN B 23 -14.05 5.26 -26.10
CA GLN B 23 -15.48 5.00 -26.22
C GLN B 23 -15.98 4.00 -25.15
N LYS B 24 -15.34 2.84 -25.06
CA LYS B 24 -15.76 1.87 -24.08
C LYS B 24 -14.63 0.99 -23.60
N ALA B 25 -14.90 0.25 -22.53
CA ALA B 25 -13.93 -0.64 -21.93
C ALA B 25 -14.57 -1.99 -21.76
N ARG B 26 -13.79 -3.03 -22.01
CA ARG B 26 -14.26 -4.40 -21.91
C ARG B 26 -13.34 -5.17 -20.94
N LEU B 27 -13.87 -5.56 -19.79
CA LEU B 27 -13.10 -6.28 -18.78
C LEU B 27 -13.33 -7.78 -18.87
N ILE B 28 -12.31 -8.48 -19.35
CA ILE B 28 -12.38 -9.93 -19.51
C ILE B 28 -11.61 -10.68 -18.44
N HIS B 29 -12.32 -11.49 -17.67
CA HIS B 29 -11.74 -12.28 -16.58
C HIS B 29 -11.45 -13.69 -17.08
N ALA B 30 -10.17 -14.05 -17.14
CA ALA B 30 -9.83 -15.38 -17.60
C ALA B 30 -8.86 -16.05 -16.63
N GLU B 31 -8.70 -17.36 -16.80
CA GLU B 31 -7.83 -18.15 -15.94
C GLU B 31 -7.19 -19.28 -16.72
N LEU B 32 -5.86 -19.22 -16.85
CA LEU B 32 -5.09 -20.20 -17.60
C LEU B 32 -4.47 -21.29 -16.71
N PRO B 33 -4.58 -22.55 -17.12
CA PRO B 33 -4.02 -23.68 -16.37
C PRO B 33 -2.51 -23.66 -16.46
N LEU B 34 -1.87 -23.69 -15.30
CA LEU B 34 -0.41 -23.70 -15.27
C LEU B 34 0.04 -25.13 -15.42
N LEU B 35 1.08 -25.35 -16.23
CA LEU B 35 1.61 -26.67 -16.42
C LEU B 35 1.96 -27.21 -15.05
N ALA B 36 2.75 -26.45 -14.29
CA ALA B 36 3.13 -26.83 -12.94
C ALA B 36 2.72 -25.76 -11.94
N PRO B 37 2.41 -26.16 -10.69
CA PRO B 37 2.00 -25.21 -9.66
C PRO B 37 3.08 -24.20 -9.37
N PHE B 38 2.66 -22.96 -9.15
CA PHE B 38 3.58 -21.86 -8.87
C PHE B 38 3.48 -21.59 -7.38
N LYS B 39 4.61 -21.59 -6.68
CA LYS B 39 4.58 -21.34 -5.26
C LYS B 39 4.75 -19.86 -4.90
N THR B 40 3.82 -19.32 -4.11
CA THR B 40 3.92 -17.94 -3.65
C THR B 40 4.27 -18.00 -2.19
N SER B 41 4.37 -16.84 -1.54
CA SER B 41 4.76 -16.78 -0.13
C SER B 41 3.90 -17.59 0.84
N TYR B 42 2.59 -17.40 0.75
CA TYR B 42 1.65 -18.10 1.63
C TYR B 42 0.59 -18.78 0.75
N GLY B 43 1.04 -19.36 -0.36
CA GLY B 43 0.11 -20.02 -1.26
C GLY B 43 0.80 -20.77 -2.39
N GLU B 44 -0.01 -21.34 -3.27
CA GLU B 44 0.53 -22.09 -4.40
C GLU B 44 -0.48 -21.95 -5.51
N LEU B 45 -0.05 -21.30 -6.58
CA LEU B 45 -0.92 -21.11 -7.71
C LEU B 45 -1.00 -22.40 -8.51
N LYS B 46 -2.16 -22.60 -9.11
CA LYS B 46 -2.44 -23.76 -9.93
C LYS B 46 -2.71 -23.24 -11.33
N SER B 47 -2.86 -21.92 -11.41
CA SER B 47 -3.16 -21.22 -12.66
C SER B 47 -2.85 -19.73 -12.56
N LYS B 48 -3.09 -19.02 -13.65
CA LYS B 48 -2.90 -17.56 -13.68
C LYS B 48 -4.29 -16.93 -13.81
N ASP B 49 -4.80 -16.42 -12.70
CA ASP B 49 -6.10 -15.77 -12.71
C ASP B 49 -5.79 -14.29 -12.98
N PHE B 50 -6.37 -13.75 -14.05
CA PHE B 50 -6.10 -12.36 -14.43
C PHE B 50 -7.26 -11.68 -15.14
N TYR B 51 -7.05 -10.42 -15.49
CA TYR B 51 -8.06 -9.71 -16.24
C TYR B 51 -7.41 -9.12 -17.44
N ILE B 52 -8.22 -8.91 -18.47
CA ILE B 52 -7.74 -8.30 -19.69
C ILE B 52 -8.54 -7.03 -19.79
N ILE B 53 -7.85 -5.90 -19.80
CA ILE B 53 -8.51 -4.61 -19.93
C ILE B 53 -8.42 -4.25 -21.41
N GLU B 54 -9.58 -4.23 -22.07
CA GLU B 54 -9.66 -3.90 -23.48
C GLU B 54 -10.26 -2.51 -23.57
N LEU B 55 -9.41 -1.55 -23.94
CA LEU B 55 -9.84 -0.16 -24.07
C LEU B 55 -10.08 0.09 -25.55
N ILE B 56 -11.30 0.50 -25.90
CA ILE B 56 -11.61 0.74 -27.31
C ILE B 56 -11.74 2.21 -27.68
N ASN B 57 -10.91 2.58 -28.64
CA ASN B 57 -10.82 3.94 -29.19
C ASN B 57 -12.15 4.45 -29.73
N GLU B 58 -12.16 5.71 -30.17
CA GLU B 58 -13.38 6.27 -30.73
C GLU B 58 -13.27 6.12 -32.25
N GLU B 59 -12.11 5.66 -32.70
CA GLU B 59 -11.84 5.44 -34.11
C GLU B 59 -11.72 3.94 -34.40
N GLY B 60 -12.14 3.12 -33.44
CA GLY B 60 -12.09 1.68 -33.63
C GLY B 60 -10.84 0.94 -33.25
N ILE B 61 -9.90 1.58 -32.55
CA ILE B 61 -8.68 0.89 -32.14
C ILE B 61 -8.84 0.26 -30.76
N HIS B 62 -8.32 -0.95 -30.61
CA HIS B 62 -8.39 -1.69 -29.35
C HIS B 62 -7.06 -1.74 -28.64
N GLY B 63 -7.03 -1.24 -27.41
CA GLY B 63 -5.81 -1.26 -26.62
C GLY B 63 -5.98 -2.35 -25.57
N TYR B 64 -4.91 -3.11 -25.32
CA TYR B 64 -4.99 -4.20 -24.35
C TYR B 64 -4.00 -4.11 -23.20
N GLY B 65 -4.50 -4.31 -22.00
CA GLY B 65 -3.66 -4.29 -20.81
C GLY B 65 -3.99 -5.55 -20.04
N GLU B 66 -3.16 -5.90 -19.06
CA GLU B 66 -3.43 -7.09 -18.27
C GLU B 66 -3.25 -6.80 -16.79
N LEU B 67 -4.22 -7.18 -15.97
CA LEU B 67 -4.14 -6.96 -14.51
C LEU B 67 -3.37 -8.16 -13.97
N GLU B 68 -2.20 -7.91 -13.40
CA GLU B 68 -1.36 -8.99 -12.89
C GLU B 68 -1.51 -9.39 -11.42
N ALA B 69 -2.22 -8.59 -10.64
CA ALA B 69 -2.41 -8.85 -9.22
C ALA B 69 -2.72 -10.31 -8.88
N PHE B 70 -1.96 -10.85 -7.93
CA PHE B 70 -2.15 -12.21 -7.48
C PHE B 70 -3.43 -12.28 -6.67
N PRO B 71 -3.99 -13.48 -6.48
CA PRO B 71 -5.22 -13.69 -5.73
C PRO B 71 -5.13 -13.41 -4.22
N LEU B 72 -3.96 -13.59 -3.62
CA LEU B 72 -3.80 -13.33 -2.20
C LEU B 72 -2.84 -12.17 -1.98
N PRO B 73 -3.07 -11.38 -0.93
CA PRO B 73 -2.17 -10.26 -0.69
C PRO B 73 -0.90 -10.76 0.00
N ASP B 74 -0.29 -11.78 -0.59
CA ASP B 74 0.93 -12.33 0.00
C ASP B 74 2.17 -11.86 -0.74
N TYR B 75 1.99 -11.07 -1.79
CA TYR B 75 3.11 -10.49 -2.54
C TYR B 75 3.13 -9.01 -2.16
N THR B 76 2.17 -8.25 -2.66
CA THR B 76 2.02 -6.83 -2.31
C THR B 76 0.58 -6.72 -1.77
N GLU B 77 0.17 -5.54 -1.30
CA GLU B 77 -1.18 -5.40 -0.74
C GLU B 77 -2.29 -5.67 -1.73
N GLU B 78 -2.03 -5.48 -3.02
CA GLU B 78 -3.05 -5.69 -4.03
C GLU B 78 -3.44 -7.14 -4.29
N THR B 79 -4.68 -7.32 -4.72
CA THR B 79 -5.22 -8.62 -5.09
C THR B 79 -6.09 -8.40 -6.34
N LEU B 80 -6.24 -9.45 -7.14
CA LEU B 80 -7.02 -9.38 -8.37
C LEU B 80 -8.44 -8.83 -8.15
N SER B 81 -9.16 -9.42 -7.20
CA SER B 81 -10.53 -9.02 -6.87
C SER B 81 -10.64 -7.57 -6.41
N SER B 82 -9.70 -7.12 -5.58
CA SER B 82 -9.71 -5.76 -5.09
C SER B 82 -9.20 -4.77 -6.14
N ALA B 83 -8.23 -5.19 -6.94
CA ALA B 83 -7.67 -4.29 -7.95
C ALA B 83 -8.65 -4.01 -9.06
N ILE B 84 -9.31 -5.06 -9.54
CA ILE B 84 -10.27 -4.89 -10.61
C ILE B 84 -11.41 -4.04 -10.08
N LEU B 85 -11.58 -4.03 -8.76
CA LEU B 85 -12.64 -3.23 -8.14
C LEU B 85 -12.22 -1.77 -8.23
N ILE B 86 -10.95 -1.49 -7.95
CA ILE B 86 -10.41 -0.13 -8.01
C ILE B 86 -10.46 0.35 -9.48
N ILE B 87 -10.20 -0.56 -10.42
CA ILE B 87 -10.25 -0.20 -11.83
C ILE B 87 -11.64 0.28 -12.22
N LYS B 88 -12.65 -0.47 -11.80
CA LYS B 88 -14.02 -0.12 -12.11
C LYS B 88 -14.49 1.14 -11.39
N GLU B 89 -14.24 1.21 -10.09
CA GLU B 89 -14.66 2.34 -9.30
C GLU B 89 -13.77 3.56 -9.29
N GLN B 90 -12.52 3.40 -9.70
CA GLN B 90 -11.59 4.52 -9.63
C GLN B 90 -10.88 4.96 -10.89
N LEU B 91 -10.34 4.01 -11.66
CA LEU B 91 -9.61 4.39 -12.86
C LEU B 91 -10.44 4.66 -14.11
N LEU B 92 -11.32 3.74 -14.47
CA LEU B 92 -12.13 3.93 -15.66
C LEU B 92 -13.02 5.17 -15.65
N PRO B 93 -13.55 5.58 -14.50
CA PRO B 93 -14.41 6.78 -14.52
C PRO B 93 -13.64 8.04 -14.96
N LEU B 94 -12.34 8.07 -14.68
CA LEU B 94 -11.50 9.21 -15.04
C LEU B 94 -11.32 9.37 -16.54
N LEU B 95 -11.30 8.26 -17.27
CA LEU B 95 -11.13 8.29 -18.73
C LEU B 95 -12.44 8.63 -19.44
N ALA B 96 -13.55 8.30 -18.78
CA ALA B 96 -14.89 8.53 -19.32
C ALA B 96 -15.01 9.76 -20.18
N GLN B 97 -14.81 10.90 -19.54
CA GLN B 97 -14.93 12.18 -20.23
C GLN B 97 -13.75 12.49 -21.18
N ARG B 98 -12.56 12.46 -20.59
CA ARG B 98 -11.28 12.77 -21.19
C ARG B 98 -10.84 12.52 -22.62
N LYS B 99 -10.01 13.46 -23.05
CA LYS B 99 -9.36 13.46 -24.36
C LYS B 99 -7.92 13.17 -23.96
N ILE B 100 -7.33 12.13 -24.53
CA ILE B 100 -5.96 11.80 -24.16
C ILE B 100 -5.05 12.11 -25.34
N ARG B 101 -4.02 12.91 -25.08
CA ARG B 101 -3.04 13.28 -26.10
C ARG B 101 -1.75 12.46 -26.07
N LYS B 102 -1.25 12.14 -24.88
CA LYS B 102 -0.05 11.33 -24.79
C LYS B 102 -0.35 10.14 -23.89
N PRO B 103 0.19 8.96 -24.21
CA PRO B 103 -0.13 7.86 -23.32
C PRO B 103 0.33 8.20 -21.91
N GLU B 104 1.35 9.05 -21.80
CA GLU B 104 1.86 9.43 -20.49
C GLU B 104 0.94 10.34 -19.67
N GLU B 105 -0.15 10.83 -20.27
CA GLU B 105 -1.06 11.69 -19.50
C GLU B 105 -1.77 10.80 -18.47
N ILE B 106 -1.78 9.49 -18.72
CA ILE B 106 -2.47 8.54 -17.85
C ILE B 106 -1.90 8.45 -16.43
N GLN B 107 -0.59 8.42 -16.30
CA GLN B 107 0.00 8.36 -14.98
C GLN B 107 -0.43 9.60 -14.19
N GLU B 108 -0.53 10.72 -14.89
CA GLU B 108 -0.91 11.98 -14.28
C GLU B 108 -2.29 12.00 -13.69
N LEU B 109 -3.33 11.67 -14.45
CA LEU B 109 -4.65 11.73 -13.86
C LEU B 109 -4.86 10.68 -12.78
N PHE B 110 -3.96 9.71 -12.73
CA PHE B 110 -4.04 8.68 -11.71
C PHE B 110 -3.08 9.06 -10.57
N SER B 111 -2.32 10.13 -10.77
CA SER B 111 -1.35 10.58 -9.78
C SER B 111 -1.89 10.79 -8.37
N TRP B 112 -3.08 11.36 -8.26
CA TRP B 112 -3.66 11.61 -6.96
C TRP B 112 -4.02 10.34 -6.21
N ILE B 113 -4.00 9.21 -6.93
CA ILE B 113 -4.33 7.95 -6.30
C ILE B 113 -3.11 7.34 -5.63
N GLN B 114 -3.26 7.02 -4.33
CA GLN B 114 -2.21 6.42 -3.53
C GLN B 114 -2.14 4.92 -3.73
N GLY B 115 -0.94 4.39 -3.98
CA GLY B 115 -0.79 2.96 -4.20
C GLY B 115 -1.62 2.44 -5.36
N ASN B 116 -2.12 1.21 -5.26
CA ASN B 116 -2.93 0.63 -6.31
C ASN B 116 -2.23 0.66 -7.65
N GLU B 117 -0.93 0.39 -7.67
CA GLU B 117 -0.16 0.42 -8.90
C GLU B 117 -0.52 -0.61 -9.94
N MET B 118 -0.84 -1.82 -9.50
CA MET B 118 -1.16 -2.86 -10.45
C MET B 118 -2.49 -2.65 -11.14
N ALA B 119 -3.36 -1.85 -10.53
CA ALA B 119 -4.63 -1.55 -11.14
C ALA B 119 -4.33 -0.52 -12.20
N LYS B 120 -3.58 0.51 -11.83
CA LYS B 120 -3.21 1.57 -12.76
C LYS B 120 -2.53 0.99 -13.99
N ALA B 121 -1.58 0.09 -13.75
CA ALA B 121 -0.80 -0.54 -14.83
C ALA B 121 -1.66 -1.22 -15.85
N ALA B 122 -2.61 -2.02 -15.40
CA ALA B 122 -3.50 -2.73 -16.30
C ALA B 122 -4.20 -1.77 -17.27
N VAL B 123 -4.69 -0.65 -16.74
CA VAL B 123 -5.39 0.33 -17.55
C VAL B 123 -4.44 1.17 -18.38
N GLU B 124 -3.37 1.67 -17.76
CA GLU B 124 -2.41 2.51 -18.46
C GLU B 124 -1.69 1.80 -19.61
N LEU B 125 -1.29 0.56 -19.39
CA LEU B 125 -0.61 -0.19 -20.42
C LEU B 125 -1.53 -0.41 -21.60
N ALA B 126 -2.83 -0.40 -21.36
CA ALA B 126 -3.81 -0.57 -22.43
C ALA B 126 -3.76 0.68 -23.26
N VAL B 127 -3.73 1.84 -22.60
CA VAL B 127 -3.68 3.12 -23.28
C VAL B 127 -2.44 3.25 -24.14
N TRP B 128 -1.31 2.71 -23.68
CA TRP B 128 -0.10 2.80 -24.48
C TRP B 128 -0.27 1.99 -25.77
N ASP B 129 -0.65 0.73 -25.63
CA ASP B 129 -0.86 -0.15 -26.77
C ASP B 129 -1.77 0.53 -27.81
N ALA B 130 -2.80 1.23 -27.31
CA ALA B 130 -3.75 1.93 -28.16
C ALA B 130 -3.08 3.03 -28.98
N PHE B 131 -2.08 3.70 -28.39
CA PHE B 131 -1.38 4.77 -29.11
C PHE B 131 -0.39 4.20 -30.12
N ALA B 132 0.44 3.26 -29.68
CA ALA B 132 1.40 2.66 -30.59
C ALA B 132 0.66 2.13 -31.82
N LYS B 133 -0.56 1.62 -31.59
CA LYS B 133 -1.38 1.09 -32.67
C LYS B 133 -1.73 2.24 -33.61
N MET B 134 -2.18 3.34 -33.04
CA MET B 134 -2.55 4.53 -33.80
C MET B 134 -1.38 5.01 -34.65
N GLU B 135 -0.16 4.92 -34.14
CA GLU B 135 1.02 5.36 -34.87
C GLU B 135 1.68 4.28 -35.73
N LYS B 136 0.94 3.22 -36.01
CA LYS B 136 1.46 2.12 -36.82
C LYS B 136 2.88 1.72 -36.43
N ARG B 137 3.17 1.68 -35.12
CA ARG B 137 4.48 1.29 -34.65
C ARG B 137 4.40 0.15 -33.64
N SER B 138 5.53 -0.50 -33.38
CA SER B 138 5.55 -1.56 -32.39
C SER B 138 5.47 -0.75 -31.10
N LEU B 139 5.09 -1.39 -30.01
CA LEU B 139 5.05 -0.66 -28.77
C LEU B 139 6.52 -0.52 -28.41
N ALA B 140 7.31 -1.50 -28.84
CA ALA B 140 8.74 -1.46 -28.59
C ALA B 140 9.38 -0.33 -29.37
N LYS B 141 9.05 -0.21 -30.65
CA LYS B 141 9.61 0.84 -31.48
C LYS B 141 9.30 2.19 -30.83
N MET B 142 8.03 2.38 -30.50
CA MET B 142 7.54 3.60 -29.88
C MET B 142 8.26 4.03 -28.60
N ILE B 143 8.42 3.15 -27.62
CA ILE B 143 9.12 3.60 -26.41
C ILE B 143 10.60 3.83 -26.69
N GLY B 144 10.97 3.68 -27.95
CA GLY B 144 12.35 3.90 -28.33
C GLY B 144 13.31 2.72 -28.38
N ALA B 145 12.84 1.52 -28.07
CA ALA B 145 13.74 0.37 -28.09
C ALA B 145 14.35 0.15 -29.48
N THR B 146 15.50 -0.51 -29.51
CA THR B 146 16.18 -0.80 -30.78
C THR B 146 16.44 -2.28 -30.95
N LYS B 147 16.67 -2.99 -29.85
CA LYS B 147 16.93 -4.42 -29.95
C LYS B 147 15.82 -5.05 -30.78
N GLU B 148 16.04 -6.29 -31.19
CA GLU B 148 15.04 -7.02 -31.98
C GLU B 148 14.79 -8.37 -31.33
N SER B 149 15.59 -8.62 -30.29
CA SER B 149 15.53 -9.83 -29.51
C SER B 149 16.15 -9.45 -28.17
N ILE B 150 15.82 -10.21 -27.14
CA ILE B 150 16.34 -9.92 -25.81
C ILE B 150 16.71 -11.23 -25.12
N LYS B 151 17.77 -11.19 -24.33
CA LYS B 151 18.21 -12.36 -23.59
C LYS B 151 17.42 -12.47 -22.30
N VAL B 152 16.61 -13.51 -22.19
CA VAL B 152 15.81 -13.75 -21.01
C VAL B 152 16.52 -14.77 -20.14
N GLY B 153 16.18 -14.75 -18.85
CA GLY B 153 16.77 -15.65 -17.88
C GLY B 153 15.81 -16.73 -17.44
N VAL B 154 16.14 -17.42 -16.36
CA VAL B 154 15.33 -18.51 -15.83
C VAL B 154 15.44 -18.58 -14.30
N SER B 155 14.34 -18.91 -13.63
CA SER B 155 14.36 -18.98 -12.18
C SER B 155 14.11 -20.40 -11.66
N ILE B 156 14.95 -20.82 -10.71
CA ILE B 156 14.85 -22.15 -10.11
C ILE B 156 14.53 -22.00 -8.62
N GLY B 157 13.48 -22.69 -8.18
CA GLY B 157 13.09 -22.63 -6.78
C GLY B 157 14.05 -23.38 -5.88
N LEU B 158 13.62 -23.73 -4.68
CA LEU B 158 14.47 -24.46 -3.74
C LEU B 158 14.52 -25.95 -4.06
N GLN B 159 15.70 -26.54 -4.02
CA GLN B 159 15.87 -27.96 -4.30
C GLN B 159 16.35 -28.65 -3.03
N GLN B 160 15.95 -29.90 -2.81
CA GLN B 160 16.39 -30.62 -1.63
C GLN B 160 17.82 -31.11 -1.86
N ASN B 161 18.08 -31.56 -3.08
CA ASN B 161 19.41 -32.03 -3.42
C ASN B 161 20.22 -30.91 -4.06
N VAL B 162 21.53 -30.95 -3.84
CA VAL B 162 22.42 -29.98 -4.45
C VAL B 162 22.60 -30.59 -5.84
N GLU B 163 22.63 -31.91 -5.83
CA GLU B 163 22.80 -32.74 -7.00
C GLU B 163 21.73 -32.45 -8.04
N THR B 164 20.49 -32.38 -7.60
CA THR B 164 19.37 -32.13 -8.50
C THR B 164 19.29 -30.68 -8.97
N LEU B 165 19.83 -29.77 -8.17
CA LEU B 165 19.83 -28.37 -8.56
C LEU B 165 20.78 -28.24 -9.74
N LEU B 166 21.94 -28.87 -9.60
CA LEU B 166 22.99 -28.84 -10.62
C LEU B 166 22.50 -29.48 -11.93
N GLN B 167 21.59 -30.44 -11.83
CA GLN B 167 21.05 -31.09 -13.03
C GLN B 167 20.12 -30.10 -13.72
N LEU B 168 19.28 -29.43 -12.93
CA LEU B 168 18.36 -28.43 -13.47
C LEU B 168 19.15 -27.31 -14.10
N VAL B 169 20.18 -26.85 -13.39
CA VAL B 169 21.04 -25.77 -13.88
C VAL B 169 21.65 -26.14 -15.23
N ASN B 170 21.97 -27.43 -15.40
CA ASN B 170 22.57 -27.92 -16.63
C ASN B 170 21.62 -27.87 -17.82
N GLN B 171 20.39 -28.30 -17.60
CA GLN B 171 19.39 -28.30 -18.66
C GLN B 171 19.27 -26.94 -19.31
N TYR B 172 18.96 -25.93 -18.50
CA TYR B 172 18.78 -24.57 -19.00
C TYR B 172 19.98 -24.00 -19.73
N VAL B 173 21.17 -24.12 -19.13
CA VAL B 173 22.37 -23.59 -19.76
C VAL B 173 22.49 -24.13 -21.18
N ASP B 174 22.30 -25.45 -21.33
CA ASP B 174 22.36 -26.09 -22.63
C ASP B 174 21.24 -25.56 -23.51
N GLN B 175 20.13 -25.15 -22.87
CA GLN B 175 18.99 -24.62 -23.61
C GLN B 175 19.22 -23.20 -24.12
N GLY B 176 20.25 -22.53 -23.61
CA GLY B 176 20.54 -21.19 -24.07
C GLY B 176 20.37 -20.06 -23.07
N TYR B 177 19.72 -20.35 -21.94
CA TYR B 177 19.52 -19.34 -20.91
C TYR B 177 20.86 -18.83 -20.41
N GLU B 178 21.13 -17.55 -20.65
CA GLU B 178 22.39 -16.96 -20.25
C GLU B 178 22.44 -16.43 -18.81
N ARG B 179 21.37 -16.64 -18.05
CA ARG B 179 21.34 -16.16 -16.66
C ARG B 179 20.39 -17.00 -15.83
N VAL B 180 20.79 -17.32 -14.61
CA VAL B 180 19.96 -18.12 -13.73
C VAL B 180 19.73 -17.47 -12.37
N LYS B 181 18.47 -17.45 -11.95
CA LYS B 181 18.11 -16.90 -10.66
C LYS B 181 17.91 -18.09 -9.73
N LEU B 182 18.67 -18.14 -8.66
CA LEU B 182 18.52 -19.25 -7.72
C LEU B 182 17.72 -18.76 -6.53
N LYS B 183 16.78 -19.57 -6.09
CA LYS B 183 15.98 -19.19 -4.94
C LYS B 183 16.78 -19.61 -3.72
N ILE B 184 16.96 -18.67 -2.79
CA ILE B 184 17.75 -18.86 -1.57
C ILE B 184 16.92 -18.86 -0.29
N ALA B 185 17.47 -19.45 0.76
CA ALA B 185 16.82 -19.53 2.07
C ALA B 185 17.86 -20.01 3.09
N PRO B 186 17.84 -19.41 4.30
CA PRO B 186 18.74 -19.71 5.42
C PRO B 186 19.36 -21.11 5.52
N ASN B 187 18.57 -22.15 5.32
CA ASN B 187 19.12 -23.51 5.40
C ASN B 187 19.60 -24.01 4.05
N LYS B 188 19.11 -23.39 2.98
CA LYS B 188 19.47 -23.79 1.63
C LYS B 188 20.01 -22.62 0.84
N ASP B 189 21.16 -22.10 1.23
CA ASP B 189 21.73 -20.97 0.51
C ASP B 189 23.16 -21.12 0.00
N ILE B 190 24.13 -20.96 0.90
CA ILE B 190 25.55 -21.03 0.52
C ILE B 190 26.00 -22.30 -0.19
N GLN B 191 25.55 -23.44 0.30
CA GLN B 191 25.93 -24.72 -0.28
C GLN B 191 25.47 -24.89 -1.73
N PHE B 192 24.34 -24.29 -2.08
CA PHE B 192 23.84 -24.39 -3.44
C PHE B 192 24.55 -23.41 -4.38
N VAL B 193 24.78 -22.20 -3.89
CA VAL B 193 25.46 -21.19 -4.71
C VAL B 193 26.82 -21.73 -5.17
N GLU B 194 27.62 -22.27 -4.23
CA GLU B 194 28.93 -22.84 -4.58
C GLU B 194 28.69 -23.79 -5.71
N ALA B 195 28.02 -24.89 -5.36
CA ALA B 195 27.68 -25.95 -6.29
C ALA B 195 27.51 -25.42 -7.70
N VAL B 196 26.68 -24.40 -7.84
CA VAL B 196 26.42 -23.82 -9.16
C VAL B 196 27.58 -22.94 -9.65
N ARG B 197 28.16 -22.14 -8.75
CA ARG B 197 29.27 -21.27 -9.14
C ARG B 197 30.49 -22.11 -9.49
N LYS B 198 30.82 -23.07 -8.63
CA LYS B 198 31.95 -23.97 -8.86
C LYS B 198 31.47 -25.07 -9.79
N SER B 199 31.09 -24.69 -11.00
CA SER B 199 30.60 -25.64 -11.98
C SER B 199 30.20 -24.87 -13.23
N PHE B 200 29.83 -23.61 -13.04
CA PHE B 200 29.46 -22.72 -14.15
C PHE B 200 30.11 -21.41 -13.76
N PRO B 201 31.45 -21.41 -13.68
CA PRO B 201 32.25 -20.23 -13.31
C PRO B 201 32.04 -18.99 -14.15
N LYS B 202 31.39 -19.14 -15.30
CA LYS B 202 31.19 -17.99 -16.19
C LYS B 202 29.73 -17.60 -16.41
N LEU B 203 28.82 -18.39 -15.84
CA LEU B 203 27.38 -18.14 -15.96
C LEU B 203 26.94 -17.03 -15.01
N SER B 204 26.26 -16.01 -15.54
CA SER B 204 25.79 -14.93 -14.67
C SER B 204 24.77 -15.59 -13.76
N LEU B 205 24.87 -15.31 -12.47
CA LEU B 205 23.98 -15.95 -11.52
C LEU B 205 23.59 -14.99 -10.43
N MET B 206 22.31 -15.00 -10.06
CA MET B 206 21.82 -14.12 -8.99
C MET B 206 21.05 -14.98 -7.99
N ALA B 207 20.79 -14.42 -6.82
CA ALA B 207 20.06 -15.15 -5.79
C ALA B 207 18.87 -14.32 -5.33
N ASP B 208 17.74 -14.99 -5.13
CA ASP B 208 16.51 -14.31 -4.68
C ASP B 208 16.23 -14.83 -3.29
N ALA B 209 16.31 -13.96 -2.28
CA ALA B 209 16.10 -14.39 -0.90
C ALA B 209 14.68 -14.21 -0.35
N ASN B 210 13.74 -13.81 -1.20
CA ASN B 210 12.33 -13.63 -0.80
C ASN B 210 12.05 -13.22 0.65
N SER B 211 12.74 -12.20 1.14
CA SER B 211 12.54 -11.71 2.50
C SER B 211 12.55 -12.82 3.53
N ALA B 212 13.57 -13.67 3.49
CA ALA B 212 13.66 -14.80 4.42
C ALA B 212 14.73 -14.62 5.50
N TYR B 213 15.45 -13.51 5.45
CA TYR B 213 16.54 -13.27 6.41
C TYR B 213 16.33 -12.09 7.37
N ASN B 214 17.12 -12.04 8.43
CA ASN B 214 17.09 -10.98 9.44
C ASN B 214 18.50 -10.43 9.48
N ARG B 215 18.72 -9.35 10.23
CA ARG B 215 20.06 -8.79 10.33
C ARG B 215 21.00 -9.85 10.88
N GLU B 216 20.50 -10.61 11.85
CA GLU B 216 21.27 -11.67 12.50
C GLU B 216 21.88 -12.69 11.54
N ASP B 217 21.44 -12.70 10.29
CA ASP B 217 21.95 -13.64 9.30
C ASP B 217 22.94 -12.97 8.34
N PHE B 218 23.47 -11.82 8.73
CA PHE B 218 24.39 -11.15 7.81
C PHE B 218 25.63 -11.99 7.51
N LEU B 219 25.97 -12.91 8.41
CA LEU B 219 27.11 -13.79 8.18
C LEU B 219 26.84 -14.65 6.97
N LEU B 220 25.66 -15.28 6.95
CA LEU B 220 25.27 -16.13 5.83
C LEU B 220 25.35 -15.31 4.55
N LEU B 221 24.72 -14.14 4.56
CA LEU B 221 24.70 -13.27 3.38
C LEU B 221 26.09 -12.80 2.95
N LYS B 222 26.99 -12.58 3.89
CA LYS B 222 28.33 -12.13 3.51
C LYS B 222 29.10 -13.25 2.82
N GLU B 223 28.80 -14.48 3.18
CA GLU B 223 29.47 -15.66 2.59
C GLU B 223 29.16 -15.86 1.11
N LEU B 224 28.15 -15.14 0.61
CA LEU B 224 27.73 -15.26 -0.78
C LEU B 224 28.42 -14.21 -1.64
N ASP B 225 28.93 -13.18 -0.98
CA ASP B 225 29.59 -12.08 -1.68
C ASP B 225 30.71 -12.59 -2.57
N GLN B 226 31.40 -13.61 -2.08
CA GLN B 226 32.52 -14.17 -2.81
C GLN B 226 32.19 -15.15 -3.93
N TYR B 227 30.94 -15.21 -4.35
CA TYR B 227 30.58 -16.12 -5.44
C TYR B 227 30.24 -15.35 -6.70
N ASP B 228 30.70 -14.11 -6.77
CA ASP B 228 30.43 -13.27 -7.93
C ASP B 228 28.95 -13.28 -8.27
N LEU B 229 28.11 -13.21 -7.25
CA LEU B 229 26.68 -13.21 -7.46
C LEU B 229 26.30 -11.87 -8.09
N GLU B 230 25.56 -11.92 -9.17
CA GLU B 230 25.16 -10.71 -9.89
C GLU B 230 24.39 -9.76 -8.96
N MET B 231 23.58 -10.34 -8.07
CA MET B 231 22.78 -9.59 -7.12
C MET B 231 22.03 -10.55 -6.20
N ILE B 232 21.59 -10.03 -5.05
CA ILE B 232 20.83 -10.78 -4.08
C ILE B 232 19.53 -10.00 -3.87
N GLU B 233 18.40 -10.55 -4.33
CA GLU B 233 17.11 -9.87 -4.20
C GLU B 233 16.42 -9.95 -2.84
N GLN B 234 15.99 -8.78 -2.38
CA GLN B 234 15.29 -8.58 -1.13
C GLN B 234 15.53 -9.55 0.04
N PRO B 235 16.72 -9.49 0.66
CA PRO B 235 17.08 -10.36 1.78
C PRO B 235 16.20 -10.07 2.99
N PHE B 236 15.97 -8.80 3.26
CA PHE B 236 15.17 -8.39 4.40
C PHE B 236 13.73 -8.00 4.07
N GLY B 237 13.12 -7.21 4.97
CA GLY B 237 11.74 -6.76 4.82
C GLY B 237 11.27 -6.19 3.50
N THR B 238 10.00 -6.44 3.19
CA THR B 238 9.42 -5.97 1.93
C THR B 238 9.16 -4.48 1.95
N LYS B 239 9.41 -3.83 3.08
CA LYS B 239 9.20 -2.38 3.17
C LYS B 239 10.49 -1.74 3.62
N ASP B 240 11.46 -2.56 3.96
CA ASP B 240 12.74 -2.09 4.47
C ASP B 240 13.68 -1.41 3.51
N PHE B 241 14.32 -0.36 4.03
CA PHE B 241 15.32 0.42 3.31
C PHE B 241 16.56 0.39 4.18
N VAL B 242 16.33 0.65 5.45
CA VAL B 242 17.36 0.70 6.48
C VAL B 242 18.27 -0.53 6.62
N ASP B 243 17.69 -1.69 6.95
CA ASP B 243 18.48 -2.91 7.09
C ASP B 243 19.17 -3.29 5.77
N HIS B 244 18.52 -3.01 4.66
CA HIS B 244 19.11 -3.30 3.36
C HIS B 244 20.38 -2.46 3.21
N ALA B 245 20.28 -1.17 3.54
CA ALA B 245 21.43 -0.28 3.44
C ALA B 245 22.57 -0.75 4.36
N TRP B 246 22.19 -1.17 5.57
CA TRP B 246 23.17 -1.64 6.52
C TRP B 246 23.91 -2.88 5.99
N LEU B 247 23.27 -3.60 5.07
CA LEU B 247 23.84 -4.82 4.50
C LEU B 247 24.61 -4.51 3.22
N GLN B 248 24.08 -3.60 2.44
CA GLN B 248 24.69 -3.24 1.16
C GLN B 248 26.11 -2.73 1.35
N LYS B 249 26.29 -1.91 2.38
CA LYS B 249 27.59 -1.29 2.70
C LYS B 249 28.62 -2.33 3.14
N GLN B 250 28.18 -3.55 3.42
CA GLN B 250 29.08 -4.63 3.85
C GLN B 250 29.29 -5.68 2.75
N LEU B 251 28.78 -5.43 1.55
CA LEU B 251 28.92 -6.41 0.47
C LEU B 251 29.40 -5.81 -0.85
N LYS B 252 30.00 -6.67 -1.69
CA LYS B 252 30.48 -6.28 -3.01
C LYS B 252 29.32 -6.49 -3.98
N THR B 253 28.59 -7.59 -3.77
CA THR B 253 27.43 -7.94 -4.58
C THR B 253 26.37 -6.86 -4.44
N ARG B 254 25.59 -6.63 -5.48
CA ARG B 254 24.54 -5.63 -5.41
C ARG B 254 23.36 -6.22 -4.68
N ILE B 255 22.58 -5.38 -4.01
CA ILE B 255 21.37 -5.83 -3.34
C ILE B 255 20.26 -5.37 -4.28
N CYS B 256 19.20 -6.14 -4.39
CA CYS B 256 18.12 -5.77 -5.28
C CYS B 256 16.79 -5.66 -4.56
N LEU B 257 16.10 -4.54 -4.74
CA LEU B 257 14.80 -4.38 -4.11
C LEU B 257 13.72 -4.78 -5.10
N ASP B 258 12.55 -5.06 -4.58
CA ASP B 258 11.43 -5.49 -5.40
C ASP B 258 10.14 -4.83 -4.92
N GLU B 259 9.54 -5.45 -3.93
CA GLU B 259 8.27 -5.04 -3.34
C GLU B 259 8.08 -3.55 -3.07
N ASN B 260 9.02 -2.94 -2.36
CA ASN B 260 8.90 -1.53 -2.01
C ASN B 260 9.34 -0.52 -3.05
N ILE B 261 9.56 -0.97 -4.28
CA ILE B 261 9.94 -0.09 -5.36
C ILE B 261 8.72 0.12 -6.24
N ARG B 262 8.02 1.24 -6.04
CA ARG B 262 6.82 1.56 -6.81
C ARG B 262 6.98 2.72 -7.76
N SER B 263 8.05 3.50 -7.63
CA SER B 263 8.25 4.65 -8.49
C SER B 263 9.68 5.19 -8.49
N VAL B 264 9.94 6.18 -9.35
CA VAL B 264 11.27 6.76 -9.40
C VAL B 264 11.55 7.30 -8.00
N LYS B 265 10.54 7.95 -7.42
CA LYS B 265 10.64 8.52 -6.08
C LYS B 265 11.10 7.42 -5.10
N ASP B 266 10.55 6.22 -5.23
CA ASP B 266 10.95 5.14 -4.33
C ASP B 266 12.39 4.75 -4.57
N VAL B 267 12.83 4.76 -5.82
CA VAL B 267 14.22 4.42 -6.11
C VAL B 267 15.12 5.50 -5.50
N GLU B 268 14.73 6.76 -5.67
CA GLU B 268 15.50 7.88 -5.12
C GLU B 268 15.76 7.72 -3.61
N GLN B 269 14.77 7.26 -2.87
CA GLN B 269 14.97 7.06 -1.44
C GLN B 269 15.95 5.91 -1.21
N ALA B 270 15.70 4.77 -1.85
CA ALA B 270 16.55 3.62 -1.69
C ALA B 270 18.00 3.99 -2.02
N HIS B 271 18.14 4.87 -3.00
CA HIS B 271 19.45 5.32 -3.44
C HIS B 271 20.15 6.16 -2.38
N SER B 272 19.54 7.29 -2.00
CA SER B 272 20.16 8.17 -1.01
C SER B 272 20.41 7.45 0.31
N ILE B 273 19.58 6.46 0.62
CA ILE B 273 19.77 5.70 1.86
C ILE B 273 20.84 4.62 1.65
N GLY B 274 21.01 4.21 0.40
CA GLY B 274 22.01 3.20 0.09
C GLY B 274 21.46 1.82 0.41
N SER B 275 20.20 1.61 0.08
CA SER B 275 19.55 0.35 0.35
C SER B 275 19.88 -0.70 -0.68
N CYS B 276 20.21 -0.27 -1.90
CA CYS B 276 20.51 -1.22 -2.96
C CYS B 276 21.38 -0.70 -4.10
N ARG B 277 21.76 -1.61 -4.99
CA ARG B 277 22.57 -1.25 -6.15
C ARG B 277 21.90 -1.79 -7.40
N ALA B 278 20.77 -2.48 -7.21
CA ALA B 278 20.01 -3.03 -8.33
C ALA B 278 18.52 -3.01 -8.04
N ILE B 279 17.70 -2.84 -9.08
CA ILE B 279 16.25 -2.78 -8.95
C ILE B 279 15.51 -3.79 -9.84
N ASN B 280 14.63 -4.59 -9.22
CA ASN B 280 13.82 -5.56 -9.97
C ASN B 280 12.55 -4.81 -10.45
N LEU B 281 12.58 -4.32 -11.68
CA LEU B 281 11.46 -3.57 -12.23
C LEU B 281 10.38 -4.39 -12.92
N LYS B 282 9.17 -4.38 -12.36
CA LYS B 282 8.03 -5.09 -12.92
C LYS B 282 6.95 -4.07 -13.29
N LEU B 283 6.58 -3.98 -14.56
CA LEU B 283 5.57 -3.02 -14.99
C LEU B 283 4.37 -2.85 -14.07
N ALA B 284 3.69 -3.93 -13.76
CA ALA B 284 2.52 -3.89 -12.89
C ALA B 284 2.78 -3.26 -11.52
N ARG B 285 3.78 -3.77 -10.82
CA ARG B 285 4.10 -3.27 -9.48
C ARG B 285 4.53 -1.82 -9.45
N VAL B 286 4.92 -1.29 -10.59
CA VAL B 286 5.41 0.09 -10.69
C VAL B 286 4.40 1.08 -11.29
N GLY B 287 3.20 0.61 -11.61
CA GLY B 287 2.18 1.48 -12.14
C GLY B 287 2.07 1.72 -13.64
N GLY B 288 2.81 1.00 -14.45
CA GLY B 288 2.69 1.21 -15.88
C GLY B 288 3.99 1.50 -16.61
N MET B 289 3.84 1.90 -17.88
CA MET B 289 4.96 2.19 -18.76
C MET B 289 5.66 3.51 -18.46
N SER B 290 4.89 4.60 -18.39
CA SER B 290 5.48 5.92 -18.12
C SER B 290 6.43 5.79 -16.95
N SER B 291 5.89 5.24 -15.85
CA SER B 291 6.63 5.02 -14.62
C SER B 291 7.86 4.11 -14.79
N ALA B 292 7.71 3.00 -15.49
CA ALA B 292 8.81 2.09 -15.70
C ALA B 292 10.00 2.74 -16.43
N LEU B 293 9.71 3.48 -17.49
CA LEU B 293 10.76 4.15 -18.25
C LEU B 293 11.46 5.20 -17.39
N LYS B 294 10.70 6.00 -16.65
CA LYS B 294 11.31 7.01 -15.79
C LYS B 294 12.32 6.36 -14.87
N ILE B 295 11.96 5.20 -14.32
CA ILE B 295 12.82 4.45 -13.42
C ILE B 295 14.05 3.90 -14.13
N ALA B 296 13.86 3.36 -15.32
CA ALA B 296 14.96 2.80 -16.11
C ALA B 296 15.99 3.87 -16.40
N GLU B 297 15.51 5.02 -16.86
CA GLU B 297 16.37 6.14 -17.17
C GLU B 297 17.16 6.55 -15.92
N TYR B 298 16.48 6.64 -14.78
CA TYR B 298 17.12 7.02 -13.53
C TYR B 298 18.17 6.04 -13.07
N CYS B 299 17.89 4.75 -13.18
CA CYS B 299 18.87 3.74 -12.76
C CYS B 299 20.10 3.85 -13.64
N ALA B 300 19.88 4.12 -14.93
CA ALA B 300 20.98 4.26 -15.88
C ALA B 300 21.90 5.43 -15.47
N LEU B 301 21.30 6.55 -15.08
CA LEU B 301 22.08 7.72 -14.67
C LEU B 301 22.74 7.59 -13.31
N ASN B 302 22.35 6.59 -12.51
CA ASN B 302 22.93 6.46 -11.18
C ASN B 302 23.52 5.09 -10.89
N GLU B 303 24.06 4.48 -11.93
CA GLU B 303 24.72 3.18 -11.83
C GLU B 303 23.93 2.06 -11.15
N ILE B 304 22.61 2.21 -11.08
CA ILE B 304 21.77 1.19 -10.47
C ILE B 304 21.32 0.19 -11.54
N LEU B 305 21.62 -1.08 -11.31
CA LEU B 305 21.26 -2.14 -12.26
C LEU B 305 19.75 -2.32 -12.33
N VAL B 306 19.19 -2.32 -13.53
CA VAL B 306 17.75 -2.48 -13.67
C VAL B 306 17.44 -3.64 -14.63
N TRP B 307 16.43 -4.43 -14.28
CA TRP B 307 16.03 -5.56 -15.11
C TRP B 307 14.55 -5.86 -14.94
N CYS B 308 13.94 -6.48 -15.95
CA CYS B 308 12.52 -6.81 -15.88
C CYS B 308 12.21 -8.08 -15.10
N GLY B 309 11.52 -7.93 -13.98
CA GLY B 309 11.15 -9.09 -13.20
C GLY B 309 9.89 -9.61 -13.84
N GLY B 310 9.28 -10.62 -13.26
CA GLY B 310 8.07 -11.13 -13.86
C GLY B 310 6.92 -11.34 -12.88
N MET B 311 5.74 -11.62 -13.43
CA MET B 311 4.56 -11.85 -12.62
C MET B 311 3.64 -12.92 -13.22
N LEU B 312 4.23 -13.89 -13.91
CA LEU B 312 3.46 -14.95 -14.54
C LEU B 312 2.45 -14.39 -15.52
N GLU B 313 2.90 -13.48 -16.37
CA GLU B 313 2.00 -12.86 -17.34
C GLU B 313 1.47 -13.79 -18.44
N ALA B 314 0.23 -13.52 -18.86
CA ALA B 314 -0.38 -14.29 -19.92
C ALA B 314 0.18 -13.62 -21.19
N GLY B 315 -0.39 -13.92 -22.35
CA GLY B 315 0.11 -13.33 -23.58
C GLY B 315 0.26 -11.82 -23.65
N VAL B 316 -0.76 -11.10 -23.20
CA VAL B 316 -0.77 -9.64 -23.22
C VAL B 316 0.26 -9.05 -22.26
N GLY B 317 0.33 -9.58 -21.06
CA GLY B 317 1.28 -9.09 -20.09
C GLY B 317 2.71 -9.23 -20.60
N ARG B 318 3.00 -10.41 -21.15
CA ARG B 318 4.32 -10.72 -21.68
C ARG B 318 4.72 -9.82 -22.85
N ALA B 319 3.78 -9.54 -23.75
CA ALA B 319 4.08 -8.69 -24.90
C ALA B 319 4.56 -7.31 -24.49
N HIS B 320 3.91 -6.71 -23.48
CA HIS B 320 4.32 -5.40 -22.97
C HIS B 320 5.68 -5.53 -22.32
N ASN B 321 5.82 -6.53 -21.45
CA ASN B 321 7.06 -6.75 -20.75
C ASN B 321 8.27 -6.81 -21.69
N ILE B 322 8.11 -7.49 -22.82
CA ILE B 322 9.20 -7.63 -23.79
C ILE B 322 9.56 -6.31 -24.48
N ALA B 323 8.57 -5.43 -24.67
CA ALA B 323 8.83 -4.14 -25.28
C ALA B 323 9.62 -3.27 -24.30
N LEU B 324 9.34 -3.41 -23.01
CA LEU B 324 10.05 -2.65 -21.99
C LEU B 324 11.47 -3.18 -21.96
N ALA B 325 11.59 -4.50 -21.89
CA ALA B 325 12.88 -5.18 -21.85
C ALA B 325 13.81 -4.85 -23.02
N ALA B 326 13.22 -4.45 -24.14
CA ALA B 326 13.98 -4.10 -25.34
C ALA B 326 14.77 -2.79 -25.23
N ARG B 327 14.47 -1.99 -24.21
CA ARG B 327 15.16 -0.72 -23.97
C ARG B 327 16.63 -0.99 -23.72
N ASN B 328 17.47 0.01 -23.97
CA ASN B 328 18.90 -0.14 -23.77
C ASN B 328 19.35 -0.28 -22.32
N GLU B 329 18.64 0.36 -21.39
CA GLU B 329 19.02 0.29 -19.98
C GLU B 329 19.08 -1.13 -19.46
N PHE B 330 18.13 -1.95 -19.88
CA PHE B 330 18.07 -3.33 -19.43
C PHE B 330 19.15 -4.16 -20.11
N VAL B 331 20.10 -4.62 -19.31
CA VAL B 331 21.19 -5.42 -19.81
C VAL B 331 21.04 -6.82 -19.26
N PHE B 332 20.79 -6.90 -17.96
CA PHE B 332 20.60 -8.19 -17.30
C PHE B 332 19.33 -8.85 -17.84
N PRO B 333 19.40 -10.15 -18.13
CA PRO B 333 18.24 -10.89 -18.65
C PRO B 333 17.06 -10.80 -17.69
N GLY B 334 15.87 -10.56 -18.21
CA GLY B 334 14.70 -10.44 -17.37
C GLY B 334 14.01 -11.76 -17.10
N ASP B 335 12.88 -11.71 -16.39
CA ASP B 335 12.11 -12.91 -16.09
C ASP B 335 10.96 -13.07 -17.07
N ILE B 336 11.32 -13.24 -18.34
CA ILE B 336 10.34 -13.44 -19.39
C ILE B 336 10.67 -14.77 -20.05
N SER B 337 9.69 -15.41 -20.68
CA SER B 337 9.95 -16.68 -21.32
C SER B 337 8.85 -17.08 -22.28
N ALA B 338 9.09 -18.12 -23.07
CA ALA B 338 8.11 -18.62 -24.02
C ALA B 338 6.94 -19.14 -23.20
N SER B 339 5.72 -18.86 -23.66
CA SER B 339 4.52 -19.29 -22.97
C SER B 339 4.65 -20.74 -22.52
N ASN B 340 5.20 -21.54 -23.43
CA ASN B 340 5.40 -22.98 -23.24
C ASN B 340 6.13 -23.41 -21.97
N ARG B 341 6.69 -22.46 -21.25
CA ARG B 341 7.39 -22.79 -20.02
C ARG B 341 6.44 -22.90 -18.85
N PHE B 342 5.34 -22.16 -18.92
CA PHE B 342 4.36 -22.15 -17.84
C PHE B 342 2.99 -22.64 -18.24
N PHE B 343 2.50 -22.14 -19.36
CA PHE B 343 1.17 -22.49 -19.82
C PHE B 343 1.12 -23.53 -20.91
N ALA B 344 0.06 -24.34 -20.86
CA ALA B 344 -0.14 -25.36 -21.87
C ALA B 344 -0.54 -24.54 -23.10
N GLU B 345 -1.40 -23.56 -22.89
CA GLU B 345 -1.86 -22.68 -23.95
C GLU B 345 -1.81 -21.24 -23.48
N ASP B 346 -1.77 -20.31 -24.44
CA ASP B 346 -1.77 -18.90 -24.08
C ASP B 346 -2.89 -18.24 -24.87
N ILE B 347 -3.13 -16.96 -24.60
CA ILE B 347 -4.19 -16.21 -25.25
C ILE B 347 -3.64 -15.22 -26.29
N VAL B 348 -2.47 -15.53 -26.85
CA VAL B 348 -1.88 -14.64 -27.84
C VAL B 348 -1.37 -15.45 -29.04
N THR B 349 -1.90 -15.11 -30.23
CA THR B 349 -1.59 -15.80 -31.48
C THR B 349 -0.13 -16.02 -31.87
N PRO B 350 0.69 -14.97 -31.88
CA PRO B 350 2.06 -15.32 -32.27
C PRO B 350 2.88 -15.81 -31.07
N ALA B 351 2.83 -17.11 -30.80
CA ALA B 351 3.56 -17.70 -29.67
C ALA B 351 5.02 -17.23 -29.63
N PHE B 352 5.58 -17.11 -28.43
CA PHE B 352 6.96 -16.66 -28.28
C PHE B 352 7.95 -17.81 -28.35
N GLU B 353 8.72 -17.82 -29.44
CA GLU B 353 9.69 -18.87 -29.66
C GLU B 353 11.02 -18.56 -28.99
N LEU B 354 11.52 -19.51 -28.22
CA LEU B 354 12.80 -19.36 -27.55
C LEU B 354 13.87 -19.77 -28.54
N ASN B 355 14.81 -18.87 -28.82
CA ASN B 355 15.89 -19.18 -29.73
C ASN B 355 17.24 -19.01 -29.05
N GLN B 356 17.56 -19.98 -28.21
CA GLN B 356 18.81 -19.99 -27.47
C GLN B 356 18.93 -18.75 -26.60
N GLY B 357 18.14 -18.74 -25.53
CA GLY B 357 18.14 -17.64 -24.58
C GLY B 357 17.61 -16.30 -25.07
N ARG B 358 16.96 -16.27 -26.22
CA ARG B 358 16.45 -15.00 -26.74
C ARG B 358 15.01 -15.04 -27.27
N LEU B 359 14.31 -13.92 -27.12
CA LEU B 359 12.94 -13.79 -27.59
C LEU B 359 12.89 -12.69 -28.64
N LYS B 360 12.08 -12.90 -29.67
CA LYS B 360 11.95 -11.92 -30.73
C LYS B 360 11.00 -10.80 -30.32
N VAL B 361 11.47 -9.57 -30.41
CA VAL B 361 10.67 -8.42 -30.05
C VAL B 361 9.64 -8.16 -31.15
N PRO B 362 8.35 -8.12 -30.77
CA PRO B 362 7.27 -7.87 -31.73
C PRO B 362 7.51 -6.65 -32.61
N THR B 363 7.12 -6.76 -33.88
CA THR B 363 7.28 -5.65 -34.83
C THR B 363 5.92 -5.17 -35.32
N ASN B 364 4.91 -6.02 -35.11
CA ASN B 364 3.53 -5.71 -35.46
C ASN B 364 3.05 -4.52 -34.63
N GLU B 365 2.07 -3.77 -35.15
CA GLU B 365 1.50 -2.62 -34.47
C GLU B 365 1.13 -2.90 -33.01
N GLY B 366 1.31 -1.91 -32.15
CA GLY B 366 0.99 -2.08 -30.73
C GLY B 366 1.89 -3.05 -30.00
N ILE B 367 1.30 -3.86 -29.12
CA ILE B 367 2.06 -4.85 -28.37
C ILE B 367 2.60 -5.92 -29.29
N GLY B 368 2.11 -5.93 -30.53
CA GLY B 368 2.58 -6.87 -31.53
C GLY B 368 1.95 -8.25 -31.59
N VAL B 369 0.96 -8.52 -30.76
CA VAL B 369 0.34 -9.83 -30.78
C VAL B 369 -1.17 -9.76 -30.73
N THR B 370 -1.84 -10.80 -31.21
CA THR B 370 -3.31 -10.82 -31.24
C THR B 370 -3.91 -11.87 -30.30
N LEU B 371 -5.14 -11.63 -29.88
CA LEU B 371 -5.84 -12.54 -28.98
C LEU B 371 -6.50 -13.70 -29.70
N ASP B 372 -6.28 -14.92 -29.21
CA ASP B 372 -6.94 -16.09 -29.81
C ASP B 372 -8.34 -16.01 -29.22
N LEU B 373 -9.22 -15.22 -29.80
CA LEU B 373 -10.56 -15.11 -29.27
C LEU B 373 -11.11 -16.51 -29.01
N LYS B 374 -10.56 -17.50 -29.71
CA LYS B 374 -10.97 -18.88 -29.57
C LYS B 374 -10.45 -19.43 -28.25
N VAL B 375 -9.12 -19.52 -28.16
CA VAL B 375 -8.48 -20.03 -26.95
C VAL B 375 -9.03 -19.30 -25.73
N LEU B 376 -9.14 -17.97 -25.85
CA LEU B 376 -9.65 -17.14 -24.78
C LEU B 376 -11.02 -17.61 -24.25
N LYS B 377 -11.99 -17.70 -25.16
CA LYS B 377 -13.34 -18.12 -24.82
C LYS B 377 -13.41 -19.27 -23.82
N LYS B 378 -12.59 -20.29 -24.02
CA LYS B 378 -12.61 -21.44 -23.13
C LYS B 378 -11.92 -21.26 -21.81
N TYR B 379 -11.43 -20.05 -21.54
CA TYR B 379 -10.76 -19.75 -20.27
C TYR B 379 -11.35 -18.51 -19.64
N THR B 380 -12.31 -17.92 -20.34
CA THR B 380 -12.96 -16.73 -19.87
C THR B 380 -14.05 -17.10 -18.88
N LYS B 381 -14.07 -16.43 -17.73
CA LYS B 381 -15.07 -16.68 -16.70
C LYS B 381 -16.18 -15.63 -16.68
N SER B 382 -15.92 -14.46 -17.26
CA SER B 382 -16.95 -13.43 -17.28
C SER B 382 -16.50 -12.29 -18.19
N THR B 383 -17.48 -11.57 -18.72
CA THR B 383 -17.21 -10.45 -19.61
C THR B 383 -18.07 -9.27 -19.21
N GLU B 384 -17.46 -8.09 -19.16
CA GLU B 384 -18.19 -6.90 -18.76
C GLU B 384 -17.80 -5.71 -19.59
N GLU B 385 -18.80 -5.05 -20.17
CA GLU B 385 -18.53 -3.90 -21.00
C GLU B 385 -18.95 -2.66 -20.25
N ILE B 386 -18.11 -1.64 -20.35
CA ILE B 386 -18.39 -0.40 -19.67
C ILE B 386 -18.34 0.78 -20.62
N LEU B 387 -19.44 1.51 -20.70
CA LEU B 387 -19.53 2.69 -21.53
C LEU B 387 -18.76 3.84 -20.86
N LEU B 388 -17.66 4.28 -21.46
CA LEU B 388 -16.89 5.39 -20.90
C LEU B 388 -17.40 6.59 -21.68
N ASN B 389 -18.73 6.72 -21.75
CA ASN B 389 -19.33 7.78 -22.56
C ASN B 389 -20.87 7.61 -22.49
MG MG C . -1.82 13.92 7.12
MG MG D . 10.79 -10.87 -4.66
#